data_9CMW
#
_entry.id   9CMW
#
_cell.length_a   1.00
_cell.length_b   1.00
_cell.length_c   1.00
_cell.angle_alpha   90.00
_cell.angle_beta   90.00
_cell.angle_gamma   90.00
#
_symmetry.space_group_name_H-M   'P 1'
#
loop_
_entity.id
_entity.type
_entity.pdbx_description
1 polymer 'Outer membrane protein assembly factor BamA'
2 polymer 'Outer membrane protein assembly factor bamC'
3 polymer 'Outer membrane protein assembly factor BamD'
4 polymer 'Outer membrane protein assembly factor BamE'
#
loop_
_entity_poly.entity_id
_entity_poly.type
_entity_poly.pdbx_seq_one_letter_code
_entity_poly.pdbx_strand_id
1 'polypeptide(L)'
;MGKYLLPTAAAGLLLLAAQPAMDFTIQDIRVEGLQRTEPSTVFNYLPVKVGDTYNDTHGSAIIKSLYATGFFDDVRVETA
DGQLLLTVIERPTIGSLNITGAKMLQNDAIKKNLESFGLAQSQYFNQATLNQAVAGLKEEYLGRGKLNIQITPKVTKLAR
NRVDIDITIDEGKSAKITDIEFEGNQVYSDRKLMRQMSLTEGGIWTWLTRSDRFDRQKFAQDMEKVTDFYQNNGYFDFRI
LDTDIQTNEDKTRQTIKITVHEGGRFRWGKVSIEGDTNEVPKAELEKLLTMKPGKWYERQQMTAVLGEIQNRMGSAGYAY
SEISVQPLPNAGTKTVDFVLHIEPGRKIYVNEIHITGNNKTRDEVVRRELRQMESAPYDTSKLQRSKERVELLGYFDNVQ
FDAVPLAGTPDKVDLNMSLTERSTGSLDLSAGWVQDTGLVMSAGVSQDNLFGTGKSAALRASRSKTTLNGSLSFTDPYFT
ADGVSLGYDIYGKAFDPRKASTSVKQYKTTTAGGGVRMGIPVTEYDRVNFGLAAEHLTVNTYNKAPKRYADFIRKYGKTD
GADGSFKGLLYKGTVGWGRNKTDSASWPTRGYLTGVNAEIALPGSKLQYYSATHNQTWFFPLSKTFTLMLGGEVGIAGGY
GRTKEIPFFENFYGGGLGSVRGYESGTLGPKVYDEYGEKISYGGNKKANVSAELLFPMPGAKDARTVRLSLFADAGSVWD
GRTYTAAENGNNKSVYSENAHKSTFTNELRYSAGGAVTWLSPLGPMKFSYAYPLKKKPEDEIQRFQFQLGTTF
;
A
2 'polypeptide(L)'
;MGQLRKLLLPGLLSVTLLSGCGMGSGSKTEQPKLDYQSRSHRLIKLEVPPDLNNPDQGNLYRLPAGSGAVRASDLEKRRT
PAVQQPADAEVLKSVKGVRLERDGSQRWLVVDGKSPAEIWPLLKAFWQENGFDIESEEPAIGQMETEWAENRAKIPQDSL
RRLFDTVGLGGIYSTGERDKFIVRIEQGKNGVSDIFFAHKAMKEVYGDKNKDTTMWQPSASDPNLEAAFLTRFMQYLGVD
GRQAENALAKKPTLPAANEMARIEGKSLIVFGDYGRNWRRTGLALDRIGLTVVGQNTERHAFLVQKAPNESNAVTEQKPG
LFKRLLGKGKAEKPAEQPELIVYAEPVADGSRIVLLNKDGSAYAGKDASALLGKLHSELR
;
C
3 'polypeptide(L)'
;MQLRKLLLPGLLSVTLLSGCAMGATQGTADKDAQITQDWSVEKLYAEAQDELNSSNYTRAVKLYEILESRFPTSRHARQS
QLDTAYAYYKDDEKDKALAAIERFRRLHPQHPNMDYALYLRGLVLFNEDQSFLNKLASQDWSDRDPKANREAYQAFAELV
QRFPNSKYAADATARMVKLVDALGGNEMSVARYYMKRGAYIAAANRAKKIIGSYQNTRYVEESLAILELAYKKLDKPQLA
ADTRRVLETNFPKSPFLTHAWQPDDMPWWRYWH
;
D
4 'polypeptide(L)'
;MQLRKLLLPGLLSVTLLSGCAMDSVERVSLFPSYKLKIIQGNELEPRAVAALRPGMTKDQVLLLLGSPILRDAFHTDRWD
YTFNTSRNGIIKERSNLTVYFENGVLVRTEGDALQNAAEALRAKQNADKQHHHHHHHHHH
;
E
#
# COMPACT_ATOMS: atom_id res chain seq x y z
N ASP A 23 47.01 6.41 -44.01
CA ASP A 23 45.65 5.88 -44.11
C ASP A 23 45.66 4.38 -44.38
N PHE A 24 44.56 3.71 -44.06
CA PHE A 24 44.46 2.27 -44.24
C PHE A 24 43.00 1.88 -44.40
N THR A 25 42.75 0.86 -45.21
CA THR A 25 41.41 0.34 -45.45
C THR A 25 41.30 -1.05 -44.85
N ILE A 26 40.28 -1.26 -44.02
CA ILE A 26 40.09 -2.53 -43.33
C ILE A 26 39.54 -3.55 -44.31
N GLN A 27 40.13 -4.75 -44.30
CA GLN A 27 39.67 -5.87 -45.14
C GLN A 27 39.68 -7.15 -44.30
N ASP A 28 38.57 -7.42 -43.63
CA ASP A 28 38.33 -8.68 -42.91
C ASP A 28 39.48 -8.99 -41.94
N ILE A 29 39.61 -8.10 -40.94
CA ILE A 29 40.66 -8.26 -39.95
C ILE A 29 40.38 -9.48 -39.08
N ARG A 30 41.43 -10.25 -38.79
CA ARG A 30 41.32 -11.46 -37.98
C ARG A 30 41.83 -11.19 -36.58
N VAL A 31 41.10 -11.67 -35.58
CA VAL A 31 41.48 -11.52 -34.18
C VAL A 31 41.84 -12.88 -33.61
N GLU A 32 42.81 -12.89 -32.69
CA GLU A 32 43.27 -14.13 -32.07
C GLU A 32 43.56 -13.87 -30.60
N GLY A 33 43.39 -14.92 -29.79
CA GLY A 33 43.73 -14.84 -28.38
C GLY A 33 42.55 -14.90 -27.44
N LEU A 34 41.50 -15.62 -27.83
CA LEU A 34 40.30 -15.75 -27.03
C LEU A 34 39.96 -17.22 -26.81
N GLN A 35 39.14 -17.48 -25.79
CA GLN A 35 38.73 -18.83 -25.44
C GLN A 35 37.23 -19.05 -25.58
N ARG A 36 36.42 -18.17 -24.99
CA ARG A 36 34.97 -18.36 -25.00
C ARG A 36 34.21 -17.11 -25.45
N THR A 37 34.89 -16.13 -26.05
CA THR A 37 34.28 -14.85 -26.36
C THR A 37 33.61 -14.81 -27.74
N GLU A 38 33.60 -15.93 -28.48
CA GLU A 38 32.88 -16.02 -29.74
C GLU A 38 33.29 -14.90 -30.70
N PRO A 39 34.46 -15.02 -31.36
CA PRO A 39 35.03 -13.89 -32.12
C PRO A 39 34.05 -13.12 -33.00
N SER A 40 32.94 -13.75 -33.40
CA SER A 40 31.92 -13.01 -34.13
C SER A 40 31.36 -11.86 -33.31
N THR A 41 31.19 -12.06 -32.00
CA THR A 41 30.68 -11.00 -31.14
C THR A 41 31.65 -9.83 -31.08
N VAL A 42 32.93 -10.11 -30.80
CA VAL A 42 33.89 -9.02 -30.70
C VAL A 42 34.08 -8.35 -32.05
N PHE A 43 33.90 -9.10 -33.14
CA PHE A 43 33.86 -8.49 -34.46
C PHE A 43 32.71 -7.49 -34.57
N ASN A 44 31.53 -7.87 -34.06
CA ASN A 44 30.38 -6.98 -34.12
C ASN A 44 30.57 -5.75 -33.24
N TYR A 45 31.31 -5.90 -32.13
CA TYR A 45 31.51 -4.77 -31.24
C TYR A 45 32.47 -3.72 -31.80
N LEU A 46 33.25 -4.06 -32.81
CA LEU A 46 34.12 -3.08 -33.43
C LEU A 46 33.29 -2.01 -34.12
N PRO A 47 33.44 -0.72 -33.77
CA PRO A 47 32.68 0.33 -34.46
C PRO A 47 33.07 0.51 -35.92
N VAL A 48 34.01 -0.27 -36.44
CA VAL A 48 34.43 -0.20 -37.83
C VAL A 48 34.31 -1.60 -38.44
N LYS A 49 34.27 -1.64 -39.76
CA LYS A 49 34.12 -2.89 -40.49
C LYS A 49 34.97 -2.80 -41.76
N VAL A 50 34.74 -3.74 -42.68
CA VAL A 50 35.49 -3.75 -43.93
C VAL A 50 35.11 -2.56 -44.78
N GLY A 51 36.12 -1.87 -45.31
CA GLY A 51 35.89 -0.74 -46.19
C GLY A 51 35.79 0.59 -45.49
N ASP A 52 36.78 0.91 -44.64
CA ASP A 52 36.81 2.17 -43.92
C ASP A 52 38.22 2.73 -43.93
N THR A 53 38.33 4.06 -44.08
CA THR A 53 39.62 4.73 -44.09
C THR A 53 40.01 5.06 -42.66
N TYR A 54 41.07 4.45 -42.16
CA TYR A 54 41.53 4.62 -40.79
C TYR A 54 43.05 4.76 -40.79
N ASN A 55 43.53 5.99 -40.59
CA ASN A 55 44.96 6.19 -40.36
C ASN A 55 45.31 6.03 -38.88
N ASP A 56 44.80 6.92 -38.03
CA ASP A 56 44.99 6.78 -36.59
C ASP A 56 43.75 7.21 -35.80
N THR A 57 42.61 7.43 -36.44
CA THR A 57 41.47 8.04 -35.77
C THR A 57 40.97 7.18 -34.61
N HIS A 58 40.48 5.98 -34.91
CA HIS A 58 39.91 5.11 -33.89
C HIS A 58 40.91 4.11 -33.34
N GLY A 59 42.20 4.44 -33.35
CA GLY A 59 43.19 3.56 -32.76
C GLY A 59 42.96 3.32 -31.29
N SER A 60 42.44 4.31 -30.57
CA SER A 60 42.08 4.16 -29.17
C SER A 60 40.59 3.94 -28.96
N ALA A 61 39.75 4.24 -29.97
CA ALA A 61 38.31 4.02 -29.81
C ALA A 61 38.00 2.54 -29.67
N ILE A 62 38.74 1.68 -30.40
CA ILE A 62 38.54 0.24 -30.28
C ILE A 62 38.82 -0.23 -28.86
N ILE A 63 39.95 0.19 -28.29
CA ILE A 63 40.30 -0.25 -26.94
C ILE A 63 39.38 0.37 -25.91
N LYS A 64 38.85 1.57 -26.17
CA LYS A 64 37.91 2.18 -25.23
C LYS A 64 36.57 1.43 -25.25
N SER A 65 36.10 1.05 -26.43
CA SER A 65 34.85 0.30 -26.53
C SER A 65 35.00 -1.10 -25.96
N LEU A 66 36.16 -1.72 -26.18
CA LEU A 66 36.38 -3.07 -25.68
C LEU A 66 36.60 -3.11 -24.18
N TYR A 67 37.29 -2.11 -23.63
CA TYR A 67 37.47 -2.03 -22.18
C TYR A 67 36.13 -1.81 -21.49
N ALA A 68 35.24 -1.05 -22.12
CA ALA A 68 33.88 -0.93 -21.62
C ALA A 68 33.16 -2.26 -21.77
N THR A 69 32.03 -2.38 -21.04
CA THR A 69 31.20 -3.58 -21.01
C THR A 69 31.96 -4.77 -20.45
N GLY A 70 33.18 -4.55 -19.98
CA GLY A 70 33.93 -5.59 -19.27
C GLY A 70 34.20 -6.85 -20.05
N PHE A 71 35.08 -6.78 -21.05
CA PHE A 71 35.41 -7.96 -21.84
C PHE A 71 36.86 -8.41 -21.69
N PHE A 72 37.82 -7.52 -21.87
CA PHE A 72 39.23 -7.89 -21.80
C PHE A 72 39.98 -6.82 -21.00
N ASP A 73 41.31 -6.95 -20.96
CA ASP A 73 42.16 -6.02 -20.25
C ASP A 73 43.38 -5.55 -21.02
N ASP A 74 43.75 -6.21 -22.12
CA ASP A 74 44.94 -5.82 -22.86
C ASP A 74 44.77 -6.28 -24.31
N VAL A 75 44.79 -5.33 -25.24
CA VAL A 75 44.67 -5.62 -26.66
C VAL A 75 45.74 -4.82 -27.39
N ARG A 76 46.31 -5.43 -28.44
CA ARG A 76 47.29 -4.76 -29.30
C ARG A 76 46.76 -4.74 -30.72
N VAL A 77 46.80 -3.58 -31.36
CA VAL A 77 46.32 -3.40 -32.72
C VAL A 77 47.37 -2.64 -33.50
N GLU A 78 47.63 -3.08 -34.74
CA GLU A 78 48.61 -2.46 -35.61
C GLU A 78 48.04 -2.42 -37.03
N THR A 79 48.89 -2.05 -37.98
CA THR A 79 48.54 -2.01 -39.40
C THR A 79 49.59 -2.80 -40.18
N ALA A 80 49.13 -3.83 -40.90
CA ALA A 80 50.05 -4.69 -41.63
C ALA A 80 49.31 -5.41 -42.74
N ASP A 81 49.66 -5.12 -43.99
CA ASP A 81 49.22 -5.85 -45.19
C ASP A 81 47.75 -6.25 -45.13
N GLY A 82 46.90 -5.27 -44.81
CA GLY A 82 45.47 -5.47 -44.83
C GLY A 82 44.92 -6.46 -43.81
N GLN A 83 45.77 -7.04 -42.96
CA GLN A 83 45.34 -7.99 -41.95
C GLN A 83 46.01 -7.59 -40.64
N LEU A 84 45.27 -6.90 -39.77
CA LEU A 84 45.83 -6.41 -38.52
C LEU A 84 45.92 -7.54 -37.51
N LEU A 85 47.11 -7.72 -36.94
CA LEU A 85 47.34 -8.76 -35.94
C LEU A 85 46.78 -8.29 -34.61
N LEU A 86 45.63 -8.81 -34.21
CA LEU A 86 44.97 -8.44 -32.96
C LEU A 86 45.29 -9.48 -31.90
N THR A 87 46.21 -9.15 -31.01
CA THR A 87 46.61 -10.03 -29.91
C THR A 87 45.88 -9.58 -28.66
N VAL A 88 44.99 -10.44 -28.15
CA VAL A 88 44.16 -10.13 -27.00
C VAL A 88 44.40 -11.17 -25.92
N ILE A 89 44.37 -10.74 -24.66
CA ILE A 89 44.37 -11.61 -23.50
C ILE A 89 43.03 -11.45 -22.80
N GLU A 90 42.49 -12.57 -22.30
CA GLU A 90 41.16 -12.54 -21.72
C GLU A 90 41.18 -11.98 -20.30
N ARG A 91 39.98 -11.75 -19.77
CA ARG A 91 39.75 -11.23 -18.43
C ARG A 91 39.31 -12.35 -17.51
N PRO A 92 39.85 -12.43 -16.29
CA PRO A 92 39.46 -13.52 -15.39
C PRO A 92 37.98 -13.47 -15.04
N THR A 93 37.46 -14.64 -14.64
CA THR A 93 36.05 -14.83 -14.38
C THR A 93 35.85 -15.39 -12.99
N ILE A 94 35.00 -14.73 -12.19
CA ILE A 94 34.74 -15.15 -10.82
C ILE A 94 33.79 -16.35 -10.87
N GLY A 95 34.36 -17.55 -10.74
CA GLY A 95 33.55 -18.75 -10.86
C GLY A 95 32.49 -18.86 -9.77
N SER A 96 32.92 -18.78 -8.51
CA SER A 96 31.99 -18.91 -7.39
C SER A 96 32.50 -18.09 -6.22
N LEU A 97 31.60 -17.38 -5.56
CA LEU A 97 31.95 -16.59 -4.40
C LEU A 97 31.85 -17.41 -3.13
N ASN A 98 32.85 -17.26 -2.26
CA ASN A 98 32.89 -17.95 -0.98
C ASN A 98 32.73 -16.94 0.14
N ILE A 99 31.97 -17.31 1.17
CA ILE A 99 31.63 -16.41 2.26
C ILE A 99 31.79 -17.16 3.59
N THR A 100 32.40 -16.50 4.56
CA THR A 100 32.59 -17.05 5.90
C THR A 100 33.12 -15.93 6.80
N GLY A 101 33.17 -16.21 8.10
CA GLY A 101 33.71 -15.28 9.06
C GLY A 101 32.74 -14.23 9.56
N ALA A 102 31.52 -14.18 9.03
CA ALA A 102 30.55 -13.18 9.47
C ALA A 102 30.03 -13.54 10.85
N LYS A 103 30.22 -12.64 11.82
CA LYS A 103 29.75 -12.83 13.18
C LYS A 103 28.68 -11.84 13.58
N MET A 104 28.95 -10.53 13.46
CA MET A 104 27.93 -9.53 13.76
C MET A 104 26.85 -9.50 12.70
N LEU A 105 27.20 -9.76 11.45
CA LEU A 105 26.25 -9.83 10.35
C LEU A 105 26.16 -11.28 9.87
N GLN A 106 25.35 -11.50 8.85
CA GLN A 106 25.13 -12.83 8.29
C GLN A 106 25.84 -12.95 6.95
N ASN A 107 26.36 -14.14 6.67
CA ASN A 107 27.12 -14.34 5.44
C ASN A 107 26.27 -14.18 4.20
N ASP A 108 24.99 -14.55 4.26
CA ASP A 108 24.12 -14.37 3.10
C ASP A 108 23.86 -12.89 2.83
N ALA A 109 23.73 -12.10 3.89
CA ALA A 109 23.50 -10.66 3.71
C ALA A 109 24.72 -9.99 3.11
N ILE A 110 25.93 -10.37 3.56
CA ILE A 110 27.13 -9.78 2.97
C ILE A 110 27.30 -10.26 1.54
N LYS A 111 26.92 -11.51 1.25
CA LYS A 111 26.96 -11.98 -0.12
C LYS A 111 26.01 -11.18 -1.00
N LYS A 112 24.83 -10.85 -0.48
CA LYS A 112 23.85 -10.11 -1.28
C LYS A 112 24.30 -8.68 -1.54
N ASN A 113 24.73 -7.97 -0.49
CA ASN A 113 25.14 -6.58 -0.75
C ASN A 113 26.53 -6.50 -1.37
N LEU A 114 27.24 -7.63 -1.52
CA LEU A 114 28.42 -7.66 -2.37
C LEU A 114 28.05 -7.97 -3.82
N GLU A 115 27.07 -8.84 -4.04
CA GLU A 115 26.55 -9.06 -5.39
C GLU A 115 25.90 -7.81 -5.94
N SER A 116 25.40 -6.94 -5.06
CA SER A 116 24.90 -5.64 -5.52
C SER A 116 25.98 -4.86 -6.27
N PHE A 117 27.25 -5.14 -5.98
CA PHE A 117 28.36 -4.57 -6.72
C PHE A 117 28.83 -5.47 -7.86
N GLY A 118 28.14 -6.58 -8.11
CA GLY A 118 28.53 -7.50 -9.15
C GLY A 118 29.18 -8.76 -8.62
N LEU A 119 30.12 -9.32 -9.39
CA LEU A 119 30.83 -10.55 -9.04
C LEU A 119 29.86 -11.72 -8.87
N ALA A 120 28.90 -11.82 -9.78
CA ALA A 120 28.03 -12.98 -9.92
C ALA A 120 28.75 -14.03 -10.77
N GLN A 121 28.02 -15.00 -11.31
CA GLN A 121 28.66 -16.15 -11.94
C GLN A 121 29.48 -15.73 -13.16
N SER A 122 30.80 -15.66 -12.95
CA SER A 122 31.87 -15.48 -13.92
C SER A 122 31.97 -14.08 -14.50
N GLN A 123 30.87 -13.31 -14.53
CA GLN A 123 30.82 -11.85 -14.48
C GLN A 123 32.07 -11.09 -14.90
N TYR A 124 32.85 -11.62 -15.85
CA TYR A 124 34.09 -10.98 -16.31
C TYR A 124 34.85 -10.29 -15.17
N PHE A 125 35.24 -11.07 -14.15
CA PHE A 125 35.75 -10.50 -12.90
C PHE A 125 36.87 -9.50 -13.13
N ASN A 126 36.83 -8.40 -12.36
CA ASN A 126 37.84 -7.36 -12.41
C ASN A 126 38.39 -7.12 -11.01
N GLN A 127 39.69 -6.87 -10.93
CA GLN A 127 40.34 -6.69 -9.62
C GLN A 127 39.94 -5.37 -8.96
N ALA A 128 39.77 -4.32 -9.77
CA ALA A 128 39.43 -3.02 -9.21
C ALA A 128 38.06 -3.06 -8.54
N THR A 129 37.11 -3.79 -9.12
CA THR A 129 35.81 -3.93 -8.50
C THR A 129 35.91 -4.66 -7.16
N LEU A 130 36.77 -5.69 -7.10
CA LEU A 130 36.97 -6.40 -5.85
C LEU A 130 37.58 -5.48 -4.79
N ASN A 131 38.56 -4.66 -5.18
CA ASN A 131 39.17 -3.72 -4.23
C ASN A 131 38.14 -2.73 -3.73
N GLN A 132 37.32 -2.19 -4.63
CA GLN A 132 36.27 -1.25 -4.22
C GLN A 132 35.29 -1.92 -3.27
N ALA A 133 34.92 -3.17 -3.54
CA ALA A 133 33.96 -3.87 -2.69
C ALA A 133 34.53 -4.13 -1.30
N VAL A 134 35.80 -4.56 -1.24
CA VAL A 134 36.38 -4.84 0.07
C VAL A 134 36.58 -3.53 0.85
N ALA A 135 36.90 -2.44 0.17
CA ALA A 135 37.01 -1.15 0.85
C ALA A 135 35.65 -0.72 1.38
N GLY A 136 34.59 -0.90 0.59
CA GLY A 136 33.25 -0.53 1.04
C GLY A 136 32.81 -1.34 2.24
N LEU A 137 33.03 -2.65 2.20
CA LEU A 137 32.61 -3.48 3.34
C LEU A 137 33.47 -3.21 4.56
N LYS A 138 34.75 -2.89 4.38
CA LYS A 138 35.59 -2.52 5.52
C LYS A 138 35.10 -1.23 6.16
N GLU A 139 34.74 -0.25 5.33
CA GLU A 139 34.20 1.00 5.88
C GLU A 139 32.88 0.75 6.59
N GLU A 140 32.04 -0.12 6.03
CA GLU A 140 30.76 -0.42 6.67
C GLU A 140 30.97 -1.09 8.02
N TYR A 141 31.91 -2.05 8.09
CA TYR A 141 32.18 -2.72 9.35
C TYR A 141 32.79 -1.76 10.36
N LEU A 142 33.65 -0.85 9.91
CA LEU A 142 34.21 0.17 10.79
C LEU A 142 33.12 1.11 11.31
N GLY A 143 32.08 1.32 10.53
CA GLY A 143 30.96 2.12 11.00
C GLY A 143 30.26 1.50 12.20
N ARG A 144 30.29 0.17 12.28
CA ARG A 144 29.71 -0.53 13.42
C ARG A 144 30.68 -0.51 14.61
N GLY A 145 30.37 -1.32 15.61
CA GLY A 145 31.22 -1.40 16.79
C GLY A 145 32.47 -2.23 16.59
N LYS A 146 32.85 -2.44 15.33
CA LYS A 146 34.05 -3.20 14.99
C LYS A 146 35.13 -2.22 14.53
N LEU A 147 36.31 -2.29 15.16
CA LEU A 147 37.39 -1.36 14.89
C LEU A 147 38.57 -2.00 14.18
N ASN A 148 39.13 -3.06 14.73
CA ASN A 148 40.31 -3.72 14.18
C ASN A 148 39.86 -5.03 13.54
N ILE A 149 39.54 -4.99 12.25
CA ILE A 149 39.02 -6.13 11.51
C ILE A 149 40.01 -6.48 10.42
N GLN A 150 40.35 -7.76 10.32
CA GLN A 150 41.26 -8.25 9.29
C GLN A 150 40.45 -8.74 8.09
N ILE A 151 40.75 -8.18 6.92
CA ILE A 151 40.12 -8.58 5.66
C ILE A 151 41.19 -9.23 4.79
N THR A 152 40.92 -10.47 4.36
CA THR A 152 41.87 -11.25 3.56
C THR A 152 41.11 -11.92 2.43
N PRO A 153 40.91 -11.24 1.31
CA PRO A 153 40.34 -11.90 0.13
C PRO A 153 41.41 -12.60 -0.68
N LYS A 154 41.27 -13.90 -0.88
CA LYS A 154 42.28 -14.71 -1.55
C LYS A 154 41.85 -15.04 -2.97
N VAL A 155 42.83 -15.06 -3.87
CA VAL A 155 42.61 -15.37 -5.28
C VAL A 155 43.27 -16.70 -5.59
N THR A 156 42.53 -17.55 -6.30
CA THR A 156 43.03 -18.87 -6.69
C THR A 156 42.77 -19.08 -8.18
N LYS A 157 43.56 -19.96 -8.78
CA LYS A 157 43.50 -20.21 -10.22
C LYS A 157 42.88 -21.58 -10.47
N LEU A 158 41.56 -21.57 -10.68
CA LEU A 158 40.83 -22.75 -11.17
C LEU A 158 40.99 -22.85 -12.67
N ALA A 159 40.09 -23.60 -13.31
CA ALA A 159 40.15 -23.89 -14.75
C ALA A 159 40.13 -22.62 -15.58
N ARG A 160 40.16 -22.78 -16.91
CA ARG A 160 40.70 -21.83 -17.87
C ARG A 160 40.56 -20.36 -17.48
N ASN A 161 39.38 -19.95 -17.02
CA ASN A 161 39.22 -18.55 -16.62
C ASN A 161 38.51 -18.40 -15.29
N ARG A 162 38.17 -19.50 -14.61
CA ARG A 162 37.45 -19.42 -13.36
C ARG A 162 38.39 -19.07 -12.21
N VAL A 163 38.02 -18.07 -11.43
CA VAL A 163 38.73 -17.69 -10.20
C VAL A 163 37.72 -17.63 -9.07
N ASP A 164 38.18 -17.91 -7.85
CA ASP A 164 37.31 -17.96 -6.69
C ASP A 164 37.79 -16.96 -5.64
N ILE A 165 36.84 -16.25 -5.04
CA ILE A 165 37.14 -15.22 -4.03
C ILE A 165 36.46 -15.65 -2.73
N ASP A 166 37.24 -15.70 -1.65
CA ASP A 166 36.72 -16.01 -0.34
C ASP A 166 36.97 -14.84 0.59
N ILE A 167 35.97 -14.52 1.41
CA ILE A 167 36.04 -13.41 2.35
C ILE A 167 36.09 -13.97 3.77
N THR A 168 37.03 -13.45 4.57
CA THR A 168 37.19 -13.88 5.95
C THR A 168 37.18 -12.65 6.83
N ILE A 169 36.23 -12.59 7.77
CA ILE A 169 36.02 -11.44 8.62
C ILE A 169 36.43 -11.82 10.05
N ASP A 170 37.44 -11.11 10.58
CA ASP A 170 37.94 -11.34 11.93
C ASP A 170 37.38 -10.24 12.83
N GLU A 171 36.24 -10.51 13.45
CA GLU A 171 35.58 -9.51 14.29
C GLU A 171 36.09 -9.59 15.72
N GLY A 172 36.25 -8.42 16.34
CA GLY A 172 36.55 -8.35 17.76
C GLY A 172 35.29 -8.56 18.58
N LYS A 173 35.47 -8.52 19.90
CA LYS A 173 34.36 -8.70 20.82
C LYS A 173 33.32 -7.58 20.68
N SER A 174 33.70 -6.35 20.99
CA SER A 174 32.81 -5.19 20.93
C SER A 174 33.65 -3.95 21.21
N ALA A 175 33.00 -2.79 21.14
CA ALA A 175 33.62 -1.50 21.45
C ALA A 175 32.70 -0.77 22.43
N LYS A 176 32.86 -1.05 23.72
CA LYS A 176 32.04 -0.41 24.72
C LYS A 176 32.63 0.94 25.12
N ILE A 177 31.74 1.84 25.56
CA ILE A 177 32.12 3.18 25.96
C ILE A 177 32.41 3.17 27.46
N THR A 178 33.43 3.94 27.86
CA THR A 178 33.85 4.01 29.25
C THR A 178 33.29 5.23 29.98
N ASP A 179 33.45 6.42 29.41
CA ASP A 179 33.00 7.65 30.05
C ASP A 179 32.33 8.53 29.01
N ILE A 180 31.24 9.19 29.43
CA ILE A 180 30.51 10.13 28.58
C ILE A 180 30.36 11.42 29.37
N GLU A 181 31.06 12.47 28.94
CA GLU A 181 31.06 13.72 29.68
C GLU A 181 31.06 14.89 28.70
N PHE A 182 30.61 16.03 29.20
CA PHE A 182 30.46 17.25 28.40
C PHE A 182 31.30 18.37 28.98
N GLU A 183 31.22 19.54 28.36
CA GLU A 183 31.89 20.75 28.83
C GLU A 183 30.95 21.93 28.69
N GLY A 184 31.32 23.03 29.36
CA GLY A 184 30.52 24.24 29.33
C GLY A 184 29.11 24.05 29.84
N ASN A 185 28.92 23.06 30.71
CA ASN A 185 27.59 22.74 31.23
C ASN A 185 27.30 23.52 32.50
N GLN A 186 27.42 24.85 32.43
CA GLN A 186 27.15 25.69 33.58
C GLN A 186 25.66 25.76 33.92
N VAL A 187 24.79 25.46 32.96
CA VAL A 187 23.36 25.65 33.13
C VAL A 187 22.59 24.36 33.33
N TYR A 188 23.12 23.21 32.90
CA TYR A 188 22.43 21.94 33.05
C TYR A 188 23.34 20.91 33.71
N SER A 189 22.73 20.03 34.51
CA SER A 189 23.50 18.99 35.19
C SER A 189 23.80 17.83 34.26
N ASP A 190 25.02 17.32 34.34
CA ASP A 190 25.48 16.32 33.37
C ASP A 190 24.78 14.99 33.55
N ARG A 191 24.30 14.69 34.77
CA ARG A 191 23.62 13.43 35.01
C ARG A 191 22.37 13.30 34.16
N LYS A 192 21.55 14.35 34.11
CA LYS A 192 20.37 14.34 33.26
C LYS A 192 20.76 14.28 31.79
N LEU A 193 21.89 14.90 31.42
CA LEU A 193 22.39 14.77 30.07
C LEU A 193 22.66 13.31 29.70
N MET A 194 23.50 12.62 30.48
CA MET A 194 23.84 11.24 30.13
C MET A 194 22.62 10.33 30.24
N ARG A 195 21.68 10.65 31.12
CA ARG A 195 20.46 9.86 31.20
C ARG A 195 19.45 10.21 30.10
N GLN A 196 19.66 11.30 29.38
CA GLN A 196 18.78 11.71 28.30
C GLN A 196 19.25 11.23 26.93
N MET A 197 20.56 11.08 26.76
CA MET A 197 21.10 10.57 25.50
C MET A 197 20.64 9.14 25.27
N SER A 198 20.62 8.74 24.00
CA SER A 198 20.37 7.34 23.65
C SER A 198 21.67 6.54 23.60
N LEU A 199 22.46 6.68 24.65
CA LEU A 199 23.73 5.97 24.79
C LEU A 199 24.20 6.05 26.24
N THR A 200 24.39 4.91 26.88
CA THR A 200 24.72 4.85 28.29
C THR A 200 26.13 4.29 28.47
N GLU A 201 26.54 4.18 29.74
CA GLU A 201 27.84 3.66 30.11
C GLU A 201 27.67 2.30 30.79
N GLY A 202 28.77 1.57 30.88
CA GLY A 202 28.76 0.25 31.48
C GLY A 202 28.27 0.24 32.92
N GLY A 203 27.45 -0.74 33.26
CA GLY A 203 26.91 -0.86 34.62
C GLY A 203 26.57 -2.29 34.93
N ILE A 204 25.49 -2.49 35.68
CA ILE A 204 25.06 -3.83 36.08
C ILE A 204 23.95 -4.34 35.18
N TRP A 205 23.02 -3.47 34.77
CA TRP A 205 21.95 -3.84 33.85
C TRP A 205 22.23 -3.43 32.42
N THR A 206 23.49 -3.09 32.10
CA THR A 206 23.86 -2.66 30.76
C THR A 206 24.52 -3.74 29.93
N TRP A 207 24.97 -4.84 30.55
CA TRP A 207 25.55 -5.93 29.78
C TRP A 207 24.54 -6.55 28.83
N LEU A 208 23.26 -6.52 29.18
CA LEU A 208 22.23 -7.08 28.33
C LEU A 208 21.97 -6.16 27.13
N THR A 209 21.53 -6.77 26.03
CA THR A 209 21.15 -6.10 24.79
C THR A 209 22.32 -5.34 24.15
N ARG A 210 23.51 -5.46 24.74
CA ARG A 210 24.70 -4.73 24.28
C ARG A 210 24.40 -3.25 24.13
N SER A 211 24.03 -2.63 25.25
CA SER A 211 23.62 -1.23 25.28
C SER A 211 24.78 -0.26 25.38
N ASP A 212 26.00 -0.69 25.04
CA ASP A 212 27.15 0.20 25.13
C ASP A 212 27.99 0.21 23.85
N ARG A 213 27.45 -0.32 22.75
CA ARG A 213 28.19 -0.32 21.50
C ARG A 213 28.28 1.08 20.93
N PHE A 214 29.30 1.30 20.09
CA PHE A 214 29.55 2.58 19.46
C PHE A 214 29.20 2.50 17.97
N ASP A 215 28.38 3.43 17.51
CA ASP A 215 27.95 3.46 16.12
C ASP A 215 27.94 4.90 15.61
N ARG A 216 28.33 5.08 14.35
CA ARG A 216 28.38 6.41 13.76
C ARG A 216 26.99 7.01 13.64
N GLN A 217 26.07 6.29 13.00
CA GLN A 217 24.71 6.79 12.83
C GLN A 217 24.02 6.96 14.17
N LYS A 218 24.26 6.04 15.11
CA LYS A 218 23.67 6.16 16.43
C LYS A 218 24.18 7.41 17.14
N PHE A 219 25.47 7.71 17.02
CA PHE A 219 26.01 8.90 17.66
C PHE A 219 25.49 10.17 17.00
N ALA A 220 25.32 10.15 15.68
CA ALA A 220 24.74 11.30 14.99
C ALA A 220 23.30 11.54 15.44
N GLN A 221 22.51 10.47 15.54
CA GLN A 221 21.14 10.60 16.02
C GLN A 221 21.11 11.08 17.46
N ASP A 222 22.07 10.64 18.27
CA ASP A 222 22.16 11.13 19.65
C ASP A 222 22.48 12.61 19.68
N MET A 223 23.34 13.08 18.77
CA MET A 223 23.65 14.51 18.70
C MET A 223 22.42 15.32 18.30
N GLU A 224 21.65 14.82 17.33
CA GLU A 224 20.40 15.48 16.97
C GLU A 224 19.44 15.49 18.15
N LYS A 225 19.38 14.38 18.90
CA LYS A 225 18.48 14.31 20.06
C LYS A 225 18.88 15.32 21.12
N VAL A 226 20.18 15.47 21.38
CA VAL A 226 20.59 16.37 22.45
C VAL A 226 20.45 17.83 22.02
N THR A 227 20.67 18.14 20.73
CA THR A 227 20.43 19.51 20.31
C THR A 227 18.94 19.86 20.32
N ASP A 228 18.09 18.88 19.98
CA ASP A 228 16.64 19.11 20.12
C ASP A 228 16.26 19.29 21.58
N PHE A 229 16.88 18.53 22.48
CA PHE A 229 16.60 18.67 23.91
C PHE A 229 17.00 20.04 24.41
N TYR A 230 18.16 20.54 23.96
CA TYR A 230 18.59 21.86 24.39
C TYR A 230 17.73 22.97 23.82
N GLN A 231 17.38 22.90 22.54
CA GLN A 231 16.69 24.03 21.94
C GLN A 231 15.19 24.02 22.22
N ASN A 232 14.61 22.84 22.48
CA ASN A 232 13.21 22.79 22.89
C ASN A 232 13.02 23.40 24.27
N ASN A 233 14.01 23.26 25.14
CA ASN A 233 13.93 23.80 26.50
C ASN A 233 14.01 25.32 26.54
N GLY A 234 14.40 25.97 25.46
CA GLY A 234 14.44 27.42 25.41
C GLY A 234 15.81 28.06 25.33
N TYR A 235 16.86 27.28 25.12
CA TYR A 235 18.21 27.81 24.96
C TYR A 235 18.57 27.75 23.48
N PHE A 236 19.15 28.83 22.97
CA PHE A 236 19.14 29.10 21.54
C PHE A 236 20.53 29.12 20.93
N ASP A 237 20.60 28.65 19.69
CA ASP A 237 21.74 28.62 18.78
C ASP A 237 22.80 27.56 19.10
N PHE A 238 22.80 27.03 20.33
CA PHE A 238 23.51 25.81 20.71
C PHE A 238 24.76 25.53 19.88
N ARG A 239 25.74 26.43 19.88
CA ARG A 239 26.90 26.25 19.01
C ARG A 239 27.70 25.04 19.47
N ILE A 240 27.55 23.93 18.74
CA ILE A 240 28.28 22.70 19.03
C ILE A 240 29.71 22.85 18.54
N LEU A 241 30.65 22.99 19.47
CA LEU A 241 32.02 23.30 19.10
C LEU A 241 32.65 22.17 18.29
N ASP A 242 32.82 20.99 18.90
CA ASP A 242 33.55 19.92 18.22
C ASP A 242 33.29 18.61 18.96
N THR A 243 33.49 17.50 18.25
CA THR A 243 33.33 16.16 18.78
C THR A 243 34.70 15.51 18.94
N ASP A 244 34.97 14.99 20.13
CA ASP A 244 36.29 14.45 20.47
C ASP A 244 36.16 12.97 20.80
N ILE A 245 36.51 12.12 19.83
CA ILE A 245 36.57 10.68 20.07
C ILE A 245 37.96 10.31 20.56
N GLN A 246 38.03 9.35 21.48
CA GLN A 246 39.31 8.94 22.05
C GLN A 246 39.28 7.43 22.26
N THR A 247 40.14 6.72 21.54
CA THR A 247 40.23 5.28 21.67
C THR A 247 41.25 4.93 22.76
N ASN A 248 41.55 3.64 22.90
CA ASN A 248 42.50 3.16 23.89
C ASN A 248 43.60 2.36 23.19
N GLU A 249 44.46 1.73 24.00
CA GLU A 249 45.48 0.84 23.45
C GLU A 249 44.82 -0.36 22.79
N ASP A 250 45.38 -0.79 21.65
CA ASP A 250 44.90 -1.89 20.82
C ASP A 250 43.59 -1.54 20.13
N LYS A 251 43.02 -0.36 20.40
CA LYS A 251 41.78 0.10 19.77
C LYS A 251 40.62 -0.87 20.03
N THR A 252 40.30 -1.02 21.30
CA THR A 252 39.18 -1.84 21.74
C THR A 252 38.18 -1.08 22.59
N ARG A 253 38.64 -0.17 23.44
CA ARG A 253 37.77 0.65 24.26
C ARG A 253 37.74 2.07 23.72
N GLN A 254 36.60 2.73 23.89
CA GLN A 254 36.38 4.08 23.36
C GLN A 254 35.87 4.98 24.47
N THR A 255 36.40 6.20 24.51
CA THR A 255 35.95 7.23 25.44
C THR A 255 35.58 8.47 24.66
N ILE A 256 34.39 9.00 24.89
CA ILE A 256 33.86 10.12 24.12
C ILE A 256 34.04 11.40 24.93
N LYS A 257 34.26 12.49 24.21
CA LYS A 257 34.37 13.81 24.80
C LYS A 257 33.62 14.81 23.93
N ILE A 258 32.75 15.60 24.55
CA ILE A 258 31.93 16.58 23.85
C ILE A 258 32.10 17.92 24.54
N THR A 259 32.23 18.97 23.74
CA THR A 259 32.26 20.34 24.23
C THR A 259 31.21 21.16 23.48
N VAL A 260 30.45 21.96 24.22
CA VAL A 260 29.32 22.69 23.68
C VAL A 260 29.40 24.14 24.17
N HIS A 261 28.39 24.93 23.80
CA HIS A 261 28.35 26.35 24.16
C HIS A 261 26.91 26.81 24.12
N GLU A 262 26.43 27.35 25.24
CA GLU A 262 25.07 27.87 25.31
C GLU A 262 25.06 29.37 24.98
N GLY A 263 23.86 29.95 24.91
CA GLY A 263 23.71 31.34 24.56
C GLY A 263 22.66 32.06 25.38
N GLY A 264 22.22 31.44 26.47
CA GLY A 264 21.19 32.03 27.31
C GLY A 264 19.79 31.88 26.75
N ARG A 265 18.79 31.84 27.64
CA ARG A 265 17.42 31.69 27.20
C ARG A 265 16.89 32.99 26.60
N PHE A 266 15.79 32.87 25.88
CA PHE A 266 15.12 34.03 25.28
C PHE A 266 13.61 33.94 25.52
N ARG A 267 12.86 34.85 24.92
CA ARG A 267 11.39 34.87 25.03
C ARG A 267 10.85 35.33 23.68
N TRP A 268 10.42 34.38 22.86
CA TRP A 268 10.01 34.69 21.49
C TRP A 268 8.48 34.81 21.47
N GLY A 269 7.99 36.04 21.32
CA GLY A 269 6.56 36.27 21.38
C GLY A 269 5.99 37.19 20.33
N LYS A 270 6.81 37.61 19.36
CA LYS A 270 6.36 38.58 18.38
C LYS A 270 6.42 38.03 16.96
N VAL A 271 5.91 36.81 16.76
CA VAL A 271 5.85 36.23 15.42
C VAL A 271 4.92 37.07 14.56
N SER A 272 5.23 37.14 13.26
CA SER A 272 4.45 37.93 12.33
C SER A 272 4.54 37.30 10.94
N ILE A 273 3.54 37.61 10.11
CA ILE A 273 3.45 37.08 8.76
C ILE A 273 3.22 38.24 7.80
N GLU A 274 4.02 38.32 6.74
CA GLU A 274 3.90 39.36 5.74
C GLU A 274 4.18 38.76 4.36
N GLY A 275 3.43 39.21 3.37
CA GLY A 275 3.61 38.72 2.02
C GLY A 275 2.33 38.67 1.20
N ASP A 276 2.43 38.22 -0.05
CA ASP A 276 1.28 38.16 -0.92
C ASP A 276 0.49 36.89 -0.67
N THR A 277 -0.82 37.05 -0.49
CA THR A 277 -1.74 35.96 -0.14
C THR A 277 -2.97 36.03 -1.04
N ASN A 278 -2.74 36.08 -2.36
CA ASN A 278 -3.73 36.39 -3.38
C ASN A 278 -5.13 35.85 -3.09
N GLU A 279 -5.24 34.58 -2.71
CA GLU A 279 -6.53 33.98 -2.42
C GLU A 279 -6.76 33.70 -0.95
N VAL A 280 -5.74 33.26 -0.23
CA VAL A 280 -5.92 32.91 1.19
C VAL A 280 -5.98 34.20 2.02
N PRO A 281 -6.94 34.36 2.92
CA PRO A 281 -6.97 35.57 3.74
C PRO A 281 -5.86 35.57 4.78
N LYS A 282 -5.34 36.76 5.08
CA LYS A 282 -4.24 36.88 6.02
C LYS A 282 -4.69 36.49 7.42
N ALA A 283 -5.92 36.82 7.78
CA ALA A 283 -6.41 36.54 9.14
C ALA A 283 -6.48 35.04 9.40
N GLU A 284 -6.86 34.26 8.38
CA GLU A 284 -6.96 32.81 8.56
C GLU A 284 -5.59 32.21 8.87
N LEU A 285 -4.54 32.68 8.20
CA LEU A 285 -3.20 32.20 8.50
C LEU A 285 -2.72 32.73 9.84
N GLU A 286 -3.08 33.97 10.18
CA GLU A 286 -2.69 34.54 11.47
C GLU A 286 -3.26 33.73 12.62
N LYS A 287 -4.51 33.26 12.48
CA LYS A 287 -5.09 32.41 13.50
C LYS A 287 -4.35 31.08 13.61
N LEU A 288 -3.82 30.57 12.50
CA LEU A 288 -3.04 29.34 12.55
C LEU A 288 -1.69 29.53 13.20
N LEU A 289 -1.18 30.76 13.25
CA LEU A 289 0.12 31.04 13.86
C LEU A 289 -0.04 31.05 15.39
N THR A 290 -0.27 29.85 15.93
CA THR A 290 -0.43 29.71 17.37
C THR A 290 0.92 29.86 18.07
N MET A 291 0.96 30.70 19.09
CA MET A 291 2.18 31.00 19.82
C MET A 291 1.83 31.85 21.02
N LYS A 292 2.69 31.79 22.04
CA LYS A 292 2.54 32.59 23.25
C LYS A 292 3.92 33.03 23.73
N PRO A 293 4.03 34.21 24.32
CA PRO A 293 5.33 34.65 24.85
C PRO A 293 5.82 33.84 26.03
N GLY A 294 5.02 32.91 26.55
CA GLY A 294 5.40 32.09 27.68
C GLY A 294 6.15 30.83 27.28
N LYS A 295 6.63 30.14 28.30
CA LYS A 295 7.40 28.89 28.09
C LYS A 295 8.76 29.21 27.45
N TRP A 296 9.17 30.48 27.48
CA TRP A 296 10.44 30.83 26.80
C TRP A 296 10.25 30.43 25.35
N TYR A 297 10.32 29.14 25.05
CA TYR A 297 9.97 28.69 23.71
C TYR A 297 9.73 27.18 23.69
N GLU A 298 9.34 26.66 22.53
CA GLU A 298 9.45 25.24 22.22
C GLU A 298 9.68 25.12 20.73
N ARG A 299 10.91 24.80 20.32
CA ARG A 299 11.27 24.87 18.90
C ARG A 299 10.49 23.86 18.07
N GLN A 300 10.19 22.69 18.66
CA GLN A 300 9.36 21.73 17.94
C GLN A 300 7.99 22.32 17.63
N GLN A 301 7.50 23.22 18.49
CA GLN A 301 6.26 23.92 18.19
C GLN A 301 6.44 24.84 16.98
N MET A 302 7.62 25.46 16.84
CA MET A 302 7.88 26.26 15.65
C MET A 302 7.92 25.41 14.40
N THR A 303 8.57 24.24 14.47
CA THR A 303 8.56 23.33 13.33
C THR A 303 7.14 22.89 12.99
N ALA A 304 6.32 22.64 14.03
CA ALA A 304 4.94 22.21 13.80
C ALA A 304 4.12 23.31 13.13
N VAL A 305 4.26 24.55 13.59
CA VAL A 305 3.47 25.62 12.99
C VAL A 305 3.97 25.93 11.58
N LEU A 306 5.26 25.75 11.33
CA LEU A 306 5.76 25.91 9.97
C LEU A 306 5.18 24.84 9.05
N GLY A 307 5.17 23.58 9.50
CA GLY A 307 4.53 22.53 8.73
C GLY A 307 3.06 22.80 8.51
N GLU A 308 2.38 23.35 9.51
CA GLU A 308 0.95 23.63 9.38
C GLU A 308 0.69 24.76 8.39
N ILE A 309 1.54 25.79 8.40
CA ILE A 309 1.33 26.90 7.47
C ILE A 309 1.75 26.50 6.07
N GLN A 310 2.63 25.50 5.93
CA GLN A 310 2.94 24.95 4.62
C GLN A 310 1.86 23.99 4.12
N ASN A 311 1.14 23.34 5.04
CA ASN A 311 0.04 22.46 4.65
C ASN A 311 -1.24 23.23 4.35
N ARG A 312 -1.49 24.35 5.04
CA ARG A 312 -2.66 25.16 4.75
C ARG A 312 -2.52 25.85 3.40
N MET A 313 -1.49 26.69 3.26
CA MET A 313 -1.15 27.24 1.96
C MET A 313 -0.53 26.12 1.12
N GLY A 314 -1.35 25.53 0.25
CA GLY A 314 -1.00 24.29 -0.42
C GLY A 314 -2.24 23.43 -0.53
N SER A 315 -3.33 23.92 0.06
CA SER A 315 -4.66 23.35 -0.14
C SER A 315 -5.50 24.23 -1.04
N ALA A 316 -5.25 25.54 -1.03
CA ALA A 316 -5.90 26.43 -1.98
C ALA A 316 -5.33 26.29 -3.39
N GLY A 317 -4.19 25.62 -3.54
CA GLY A 317 -3.62 25.40 -4.85
C GLY A 317 -2.24 26.00 -5.05
N TYR A 318 -1.48 26.14 -3.97
CA TYR A 318 -0.12 26.70 -4.03
C TYR A 318 0.84 25.60 -3.57
N ALA A 319 1.28 24.78 -4.53
CA ALA A 319 2.14 23.65 -4.19
C ALA A 319 3.59 24.07 -3.97
N TYR A 320 4.10 24.96 -4.83
CA TYR A 320 5.49 25.37 -4.78
C TYR A 320 5.73 26.58 -3.89
N SER A 321 4.85 26.80 -2.91
CA SER A 321 4.99 27.95 -2.02
C SER A 321 6.15 27.71 -1.07
N GLU A 322 7.21 28.51 -1.22
CA GLU A 322 8.37 28.45 -0.34
C GLU A 322 8.27 29.54 0.71
N ILE A 323 8.45 29.17 1.97
CA ILE A 323 8.32 30.09 3.10
C ILE A 323 9.69 30.27 3.71
N SER A 324 10.06 31.53 3.98
CA SER A 324 11.32 31.87 4.60
C SER A 324 11.11 32.39 6.01
N VAL A 325 12.13 32.20 6.85
CA VAL A 325 12.09 32.65 8.24
C VAL A 325 13.45 33.23 8.59
N GLN A 326 13.44 34.37 9.29
CA GLN A 326 14.67 35.01 9.72
C GLN A 326 14.50 35.54 11.14
N PRO A 327 15.34 35.09 12.08
CA PRO A 327 15.21 35.57 13.46
C PRO A 327 15.79 36.97 13.62
N LEU A 328 15.09 37.79 14.41
CA LEU A 328 15.54 39.15 14.75
C LEU A 328 15.97 39.15 16.21
N PRO A 329 17.22 38.83 16.51
CA PRO A 329 17.63 38.68 17.91
C PRO A 329 17.84 40.04 18.58
N ASN A 330 17.45 40.11 19.86
CA ASN A 330 17.58 41.32 20.66
C ASN A 330 18.15 40.92 22.01
N ALA A 331 19.43 41.23 22.23
CA ALA A 331 20.10 40.89 23.48
C ALA A 331 19.66 41.88 24.56
N GLY A 332 20.26 41.76 25.75
CA GLY A 332 19.88 42.60 26.86
C GLY A 332 18.56 42.17 27.47
N THR A 333 17.47 42.35 26.71
CA THR A 333 16.17 41.86 27.13
C THR A 333 15.98 40.37 26.86
N LYS A 334 16.92 39.75 26.14
CA LYS A 334 16.90 38.31 25.88
C LYS A 334 15.60 37.88 25.19
N THR A 335 15.42 38.37 23.97
CA THR A 335 14.25 38.01 23.17
C THR A 335 14.62 38.06 21.70
N VAL A 336 13.84 37.33 20.90
CA VAL A 336 13.98 37.33 19.45
C VAL A 336 12.59 37.28 18.85
N ASP A 337 12.39 38.05 17.78
CA ASP A 337 11.11 38.13 17.09
C ASP A 337 11.23 37.46 15.73
N PHE A 338 10.08 37.04 15.19
CA PHE A 338 10.03 36.31 13.94
C PHE A 338 9.15 37.03 12.92
N VAL A 339 9.67 37.17 11.71
CA VAL A 339 8.89 37.60 10.56
C VAL A 339 8.90 36.46 9.55
N LEU A 340 7.82 36.34 8.79
CA LEU A 340 7.66 35.29 7.80
C LEU A 340 7.34 35.92 6.46
N HIS A 341 8.31 35.91 5.55
CA HIS A 341 8.15 36.51 4.22
C HIS A 341 7.67 35.46 3.22
N ILE A 342 6.41 35.05 3.39
CA ILE A 342 5.84 34.06 2.48
C ILE A 342 5.73 34.63 1.09
N GLU A 343 6.14 33.85 0.10
CA GLU A 343 6.07 34.28 -1.30
C GLU A 343 5.62 33.12 -2.16
N PRO A 344 4.31 32.88 -2.23
CA PRO A 344 3.80 31.81 -3.10
C PRO A 344 3.63 32.30 -4.52
N GLY A 345 3.24 31.38 -5.39
CA GLY A 345 2.98 31.73 -6.77
C GLY A 345 2.84 30.47 -7.62
N ARG A 346 2.38 30.68 -8.85
CA ARG A 346 2.24 29.63 -9.85
C ARG A 346 1.30 28.52 -9.34
N LYS A 347 0.03 28.92 -9.19
CA LYS A 347 -1.02 27.98 -8.80
C LYS A 347 -0.93 26.71 -9.64
N ILE A 348 -0.96 25.56 -8.97
CA ILE A 348 -0.64 24.28 -9.57
C ILE A 348 -1.93 23.49 -9.75
N TYR A 349 -2.20 23.07 -10.98
CA TYR A 349 -3.32 22.22 -11.32
C TYR A 349 -2.86 20.76 -11.38
N VAL A 350 -3.76 19.88 -11.84
CA VAL A 350 -3.45 18.47 -12.03
C VAL A 350 -3.92 18.11 -13.43
N ASN A 351 -2.97 18.05 -14.38
CA ASN A 351 -3.34 17.80 -15.76
C ASN A 351 -3.78 16.36 -15.98
N GLU A 352 -3.01 15.39 -15.45
CA GLU A 352 -3.35 13.99 -15.61
C GLU A 352 -2.69 13.19 -14.49
N ILE A 353 -3.38 12.15 -14.04
CA ILE A 353 -2.91 11.32 -12.94
C ILE A 353 -2.93 9.87 -13.43
N HIS A 354 -1.75 9.31 -13.66
CA HIS A 354 -1.63 7.94 -14.13
C HIS A 354 -1.63 6.96 -12.96
N ILE A 355 -1.77 5.69 -13.28
CA ILE A 355 -1.75 4.61 -12.30
C ILE A 355 -0.97 3.44 -12.88
N THR A 356 0.08 3.02 -12.19
CA THR A 356 0.93 1.93 -12.64
C THR A 356 0.93 0.81 -11.61
N GLY A 357 1.37 -0.36 -12.05
CA GLY A 357 1.40 -1.52 -11.18
C GLY A 357 0.03 -1.98 -10.73
N ASN A 358 -0.99 -1.81 -11.57
CA ASN A 358 -2.37 -2.13 -11.21
C ASN A 358 -2.77 -3.52 -11.67
N ASN A 359 -1.85 -4.47 -11.71
CA ASN A 359 -2.16 -5.82 -12.19
C ASN A 359 -3.16 -6.50 -11.27
N LYS A 360 -3.94 -7.42 -11.85
CA LYS A 360 -4.86 -8.29 -11.13
C LYS A 360 -6.04 -7.52 -10.54
N THR A 361 -6.07 -6.20 -10.72
CA THR A 361 -7.16 -5.39 -10.19
C THR A 361 -7.58 -4.37 -11.24
N ARG A 362 -8.86 -4.00 -11.22
CA ARG A 362 -9.39 -3.06 -12.18
C ARG A 362 -8.80 -1.67 -11.97
N ASP A 363 -8.87 -0.84 -13.00
CA ASP A 363 -8.40 0.54 -12.87
C ASP A 363 -9.46 1.41 -12.21
N GLU A 364 -10.73 1.06 -12.35
CA GLU A 364 -11.79 1.88 -11.77
C GLU A 364 -11.84 1.73 -10.25
N VAL A 365 -11.38 0.60 -9.71
CA VAL A 365 -11.50 0.34 -8.28
C VAL A 365 -10.54 1.24 -7.51
N VAL A 366 -9.55 1.79 -8.22
CA VAL A 366 -8.63 2.76 -7.64
C VAL A 366 -9.07 4.19 -7.94
N ARG A 367 -9.60 4.43 -9.14
CA ARG A 367 -10.13 5.75 -9.46
C ARG A 367 -11.36 6.06 -8.61
N ARG A 368 -12.06 5.04 -8.13
CA ARG A 368 -13.30 5.25 -7.40
C ARG A 368 -13.06 5.72 -5.97
N GLU A 369 -11.85 5.55 -5.45
CA GLU A 369 -11.56 5.84 -4.04
C GLU A 369 -10.75 7.10 -3.84
N LEU A 370 -9.79 7.38 -4.71
CA LEU A 370 -8.86 8.47 -4.46
C LEU A 370 -9.54 9.81 -4.66
N ARG A 371 -9.11 10.80 -3.88
CA ARG A 371 -9.61 12.17 -4.01
C ARG A 371 -8.81 12.91 -5.07
N GLN A 372 -8.98 14.24 -5.15
CA GLN A 372 -8.29 15.06 -6.15
C GLN A 372 -8.63 14.55 -7.56
N MET A 373 -9.90 14.73 -7.92
CA MET A 373 -10.48 14.04 -9.06
C MET A 373 -9.70 14.29 -10.35
N GLU A 374 -9.72 15.53 -10.85
CA GLU A 374 -8.97 15.87 -12.06
C GLU A 374 -9.08 17.35 -12.37
N SER A 375 -8.02 17.91 -12.95
CA SER A 375 -8.02 19.27 -13.48
C SER A 375 -8.35 20.31 -12.40
N ALA A 376 -8.39 19.89 -11.15
CA ALA A 376 -8.68 20.76 -10.04
C ALA A 376 -7.40 21.31 -9.44
N PRO A 377 -7.48 22.39 -8.67
CA PRO A 377 -6.30 22.87 -7.96
C PRO A 377 -5.69 21.78 -7.09
N TYR A 378 -4.36 21.81 -6.99
CA TYR A 378 -3.61 20.81 -6.24
C TYR A 378 -3.70 21.14 -4.76
N ASP A 379 -4.30 20.24 -4.00
CA ASP A 379 -4.51 20.43 -2.56
C ASP A 379 -3.94 19.26 -1.79
N THR A 380 -2.88 19.52 -1.01
CA THR A 380 -2.20 18.45 -0.28
C THR A 380 -3.08 17.90 0.84
N SER A 381 -3.87 18.77 1.48
CA SER A 381 -4.77 18.32 2.54
C SER A 381 -5.80 17.32 2.02
N LYS A 382 -6.02 17.27 0.72
CA LYS A 382 -6.87 16.25 0.11
C LYS A 382 -6.08 15.06 -0.43
N LEU A 383 -4.86 15.30 -0.90
CA LEU A 383 -4.04 14.20 -1.42
C LEU A 383 -3.61 13.26 -0.29
N GLN A 384 -3.37 13.81 0.91
CA GLN A 384 -3.02 12.95 2.03
C GLN A 384 -4.19 12.04 2.40
N ARG A 385 -5.40 12.59 2.42
CA ARG A 385 -6.59 11.76 2.66
C ARG A 385 -6.75 10.73 1.55
N SER A 386 -6.43 11.11 0.31
CA SER A 386 -6.45 10.17 -0.80
C SER A 386 -5.53 8.98 -0.55
N LYS A 387 -4.28 9.27 -0.20
CA LYS A 387 -3.31 8.20 0.04
C LYS A 387 -3.72 7.34 1.22
N GLU A 388 -4.29 7.95 2.27
CA GLU A 388 -4.75 7.17 3.40
C GLU A 388 -5.96 6.31 3.03
N ARG A 389 -6.79 6.79 2.11
CA ARG A 389 -7.97 6.03 1.70
C ARG A 389 -7.57 4.82 0.86
N VAL A 390 -6.64 5.01 -0.08
CA VAL A 390 -6.22 3.90 -0.93
C VAL A 390 -5.54 2.82 -0.11
N GLU A 391 -4.75 3.21 0.90
CA GLU A 391 -4.04 2.24 1.71
C GLU A 391 -4.96 1.45 2.62
N LEU A 392 -6.12 2.03 2.97
CA LEU A 392 -7.08 1.36 3.85
C LEU A 392 -7.92 0.31 3.14
N LEU A 393 -7.54 -0.08 1.92
CA LEU A 393 -8.28 -1.09 1.17
C LEU A 393 -7.75 -2.50 1.37
N GLY A 394 -6.50 -2.66 1.81
CA GLY A 394 -5.92 -3.96 2.04
C GLY A 394 -5.39 -4.66 0.82
N TYR A 395 -5.66 -4.14 -0.37
CA TYR A 395 -5.15 -4.78 -1.59
C TYR A 395 -3.67 -4.49 -1.80
N PHE A 396 -3.19 -3.34 -1.36
CA PHE A 396 -1.87 -2.86 -1.70
C PHE A 396 -1.05 -2.62 -0.43
N ASP A 397 0.27 -2.74 -0.58
CA ASP A 397 1.22 -2.58 0.53
C ASP A 397 1.89 -1.22 0.53
N ASN A 398 2.47 -0.81 -0.60
CA ASN A 398 3.19 0.44 -0.71
C ASN A 398 2.51 1.35 -1.72
N VAL A 399 2.28 2.59 -1.32
CA VAL A 399 1.59 3.57 -2.16
C VAL A 399 2.29 4.91 -2.02
N GLN A 400 2.68 5.49 -3.15
CA GLN A 400 3.33 6.79 -3.19
C GLN A 400 2.57 7.73 -4.12
N PHE A 401 2.84 9.02 -3.96
CA PHE A 401 2.23 10.06 -4.80
C PHE A 401 3.33 11.05 -5.20
N ASP A 402 3.93 10.81 -6.36
CA ASP A 402 4.95 11.70 -6.87
C ASP A 402 4.30 12.96 -7.46
N ALA A 403 5.13 13.89 -7.90
CA ALA A 403 4.66 15.11 -8.55
C ALA A 403 5.72 15.51 -9.57
N VAL A 404 5.52 15.08 -10.81
CA VAL A 404 6.46 15.34 -11.89
C VAL A 404 5.92 16.49 -12.73
N PRO A 405 6.70 17.53 -13.00
CA PRO A 405 6.22 18.63 -13.85
C PRO A 405 6.13 18.20 -15.30
N LEU A 406 5.53 19.08 -16.09
CA LEU A 406 5.30 18.84 -17.51
C LEU A 406 6.05 19.87 -18.34
N ALA A 407 6.19 19.60 -19.63
CA ALA A 407 6.84 20.52 -20.56
C ALA A 407 6.08 21.83 -20.73
N GLY A 408 4.92 21.95 -20.11
CA GLY A 408 4.16 23.18 -20.05
C GLY A 408 4.17 23.71 -18.63
N THR A 409 5.36 23.67 -18.01
CA THR A 409 5.65 23.86 -16.59
C THR A 409 4.74 24.88 -15.89
N PRO A 410 4.43 26.05 -16.49
CA PRO A 410 3.44 26.91 -15.86
C PRO A 410 2.10 26.22 -15.61
N ASP A 411 1.77 26.04 -14.34
CA ASP A 411 0.48 25.63 -13.80
C ASP A 411 0.19 24.13 -13.94
N LYS A 412 1.05 23.35 -14.57
CA LYS A 412 0.74 21.96 -14.88
C LYS A 412 1.73 21.01 -14.21
N VAL A 413 1.20 20.00 -13.52
CA VAL A 413 1.98 18.90 -12.97
C VAL A 413 1.23 17.59 -13.23
N ASP A 414 1.82 16.49 -12.81
CA ASP A 414 1.21 15.17 -12.93
C ASP A 414 1.35 14.43 -11.61
N LEU A 415 0.47 13.45 -11.39
CA LEU A 415 0.45 12.73 -10.13
C LEU A 415 0.49 11.21 -10.36
N ASN A 416 1.42 10.75 -11.19
CA ASN A 416 1.52 9.32 -11.47
C ASN A 416 1.72 8.52 -10.19
N MET A 417 0.80 7.59 -9.94
CA MET A 417 0.79 6.81 -8.72
C MET A 417 1.83 5.69 -8.80
N SER A 418 1.84 4.82 -7.81
CA SER A 418 2.76 3.68 -7.78
C SER A 418 2.16 2.62 -6.88
N LEU A 419 1.96 1.42 -7.42
CA LEU A 419 1.29 0.35 -6.69
C LEU A 419 2.21 -0.84 -6.52
N THR A 420 2.00 -1.57 -5.41
CA THR A 420 2.72 -2.81 -5.10
C THR A 420 1.67 -3.87 -4.83
N GLU A 421 1.28 -4.59 -5.87
CA GLU A 421 0.19 -5.57 -5.78
C GLU A 421 0.55 -6.69 -4.81
N ARG A 422 -0.29 -6.88 -3.80
CA ARG A 422 -0.15 -7.97 -2.84
C ARG A 422 -1.26 -8.99 -3.07
N SER A 423 -0.91 -10.27 -2.90
CA SER A 423 -1.88 -11.34 -3.03
C SER A 423 -3.04 -11.14 -2.05
N THR A 424 -4.26 -11.26 -2.55
CA THR A 424 -5.47 -11.02 -1.77
C THR A 424 -6.23 -12.30 -1.45
N GLY A 425 -6.48 -13.15 -2.45
CA GLY A 425 -7.23 -14.36 -2.23
C GLY A 425 -6.36 -15.47 -1.67
N SER A 426 -6.92 -16.22 -0.73
CA SER A 426 -6.21 -17.33 -0.09
C SER A 426 -7.26 -18.28 0.50
N LEU A 427 -6.77 -19.38 1.07
CA LEU A 427 -7.61 -20.38 1.69
C LEU A 427 -7.39 -20.36 3.20
N ASP A 428 -8.48 -20.24 3.96
CA ASP A 428 -8.43 -20.16 5.40
C ASP A 428 -8.73 -21.52 6.00
N LEU A 429 -7.76 -22.07 6.74
CA LEU A 429 -7.94 -23.36 7.42
C LEU A 429 -7.05 -23.34 8.65
N SER A 430 -7.64 -23.08 9.81
CA SER A 430 -6.91 -22.98 11.06
C SER A 430 -7.66 -23.74 12.15
N ALA A 431 -6.94 -24.01 13.24
CA ALA A 431 -7.51 -24.70 14.39
C ALA A 431 -6.92 -24.09 15.66
N GLY A 432 -7.59 -24.36 16.78
CA GLY A 432 -7.14 -23.81 18.04
C GLY A 432 -7.59 -24.66 19.21
N TRP A 433 -7.38 -24.11 20.41
CA TRP A 433 -7.72 -24.81 21.65
C TRP A 433 -8.20 -23.80 22.67
N VAL A 434 -9.34 -24.10 23.30
CA VAL A 434 -9.91 -23.25 24.33
C VAL A 434 -9.76 -23.96 25.66
N GLN A 435 -9.85 -23.18 26.74
CA GLN A 435 -9.53 -23.69 28.07
C GLN A 435 -10.47 -24.78 28.55
N ASP A 436 -11.70 -24.82 28.06
CA ASP A 436 -12.70 -25.76 28.58
C ASP A 436 -13.13 -26.79 27.56
N THR A 437 -13.50 -26.38 26.35
CA THR A 437 -13.98 -27.35 25.36
C THR A 437 -12.83 -28.10 24.72
N GLY A 438 -11.86 -27.39 24.15
CA GLY A 438 -10.70 -28.03 23.56
C GLY A 438 -10.58 -27.82 22.07
N LEU A 439 -10.73 -28.90 21.30
CA LEU A 439 -10.50 -28.84 19.86
C LEU A 439 -11.56 -27.98 19.18
N VAL A 440 -11.10 -27.08 18.31
CA VAL A 440 -11.97 -26.25 17.47
C VAL A 440 -11.41 -26.23 16.07
N MET A 441 -12.31 -26.21 15.08
CA MET A 441 -11.92 -26.18 13.67
C MET A 441 -12.33 -24.85 13.06
N SER A 442 -11.77 -24.58 11.87
CA SER A 442 -12.12 -23.38 11.11
C SER A 442 -11.69 -23.61 9.67
N ALA A 443 -12.64 -23.55 8.74
CA ALA A 443 -12.34 -23.77 7.33
C ALA A 443 -13.26 -22.92 6.48
N GLY A 444 -12.86 -22.73 5.23
CA GLY A 444 -13.63 -21.93 4.30
C GLY A 444 -12.76 -21.07 3.40
N VAL A 445 -13.10 -21.02 2.10
CA VAL A 445 -12.32 -20.22 1.17
C VAL A 445 -12.59 -18.74 1.39
N SER A 446 -11.58 -17.92 1.11
CA SER A 446 -11.67 -16.48 1.26
C SER A 446 -11.25 -15.80 -0.03
N GLN A 447 -11.86 -14.67 -0.32
CA GLN A 447 -11.53 -13.92 -1.52
C GLN A 447 -11.91 -12.46 -1.32
N ASP A 448 -10.94 -11.56 -1.50
CA ASP A 448 -11.18 -10.13 -1.38
C ASP A 448 -11.42 -9.46 -2.73
N ASN A 449 -11.20 -10.16 -3.84
CA ASN A 449 -11.43 -9.60 -5.17
C ASN A 449 -11.73 -10.74 -6.11
N LEU A 450 -12.98 -10.82 -6.57
CA LEU A 450 -13.39 -11.84 -7.53
C LEU A 450 -12.94 -11.46 -8.94
N PHE A 451 -11.62 -11.32 -9.09
CA PHE A 451 -10.93 -10.96 -10.33
C PHE A 451 -11.61 -9.80 -11.06
N GLY A 452 -12.33 -8.95 -10.33
CA GLY A 452 -13.00 -7.81 -10.91
C GLY A 452 -12.92 -6.59 -10.01
N THR A 453 -14.08 -6.01 -9.70
CA THR A 453 -14.17 -4.92 -8.74
C THR A 453 -14.03 -5.54 -7.35
N GLY A 454 -14.29 -4.78 -6.29
CA GLY A 454 -14.17 -5.30 -4.94
C GLY A 454 -14.93 -6.60 -4.73
N LYS A 455 -16.26 -6.51 -4.68
CA LYS A 455 -17.17 -7.67 -4.74
C LYS A 455 -16.63 -8.86 -3.95
N SER A 456 -16.26 -8.60 -2.70
CA SER A 456 -15.64 -9.64 -1.89
C SER A 456 -16.65 -10.74 -1.56
N ALA A 457 -16.23 -11.98 -1.75
CA ALA A 457 -17.02 -13.15 -1.39
C ALA A 457 -16.20 -14.06 -0.51
N ALA A 458 -16.84 -14.63 0.51
CA ALA A 458 -16.12 -15.41 1.51
C ALA A 458 -16.99 -16.54 2.01
N LEU A 459 -16.39 -17.72 2.15
CA LEU A 459 -17.02 -18.87 2.76
C LEU A 459 -16.29 -19.22 4.04
N ARG A 460 -17.04 -19.64 5.06
CA ARG A 460 -16.44 -19.96 6.35
C ARG A 460 -17.35 -20.91 7.10
N ALA A 461 -16.76 -22.00 7.60
CA ALA A 461 -17.49 -22.98 8.39
C ALA A 461 -16.57 -23.52 9.48
N SER A 462 -16.93 -23.28 10.73
CA SER A 462 -16.15 -23.74 11.87
C SER A 462 -16.90 -24.84 12.60
N ARG A 463 -16.15 -25.63 13.38
CA ARG A 463 -16.75 -26.74 14.11
C ARG A 463 -15.91 -27.01 15.35
N SER A 464 -16.60 -27.18 16.48
CA SER A 464 -15.98 -27.51 17.75
C SER A 464 -16.76 -28.66 18.39
N LYS A 465 -16.34 -29.04 19.59
CA LYS A 465 -17.06 -30.08 20.31
C LYS A 465 -18.41 -29.60 20.82
N THR A 466 -18.65 -28.28 20.79
CA THR A 466 -19.91 -27.72 21.23
C THR A 466 -20.47 -26.65 20.30
N THR A 467 -19.68 -26.16 19.34
CA THR A 467 -20.12 -25.10 18.45
C THR A 467 -20.01 -25.56 17.00
N LEU A 468 -20.90 -25.01 16.17
CA LEU A 468 -20.90 -25.28 14.74
C LEU A 468 -21.65 -24.15 14.05
N ASN A 469 -21.00 -23.46 13.13
CA ASN A 469 -21.60 -22.30 12.48
C ASN A 469 -20.94 -22.09 11.12
N GLY A 470 -21.62 -22.53 10.06
CA GLY A 470 -21.17 -22.24 8.71
C GLY A 470 -21.67 -20.88 8.24
N SER A 471 -21.02 -20.38 7.19
CA SER A 471 -21.34 -19.04 6.70
C SER A 471 -20.87 -18.89 5.26
N LEU A 472 -21.75 -18.38 4.42
CA LEU A 472 -21.42 -17.98 3.06
C LEU A 472 -21.67 -16.49 2.91
N SER A 473 -20.60 -15.72 2.66
CA SER A 473 -20.68 -14.27 2.66
C SER A 473 -20.26 -13.73 1.30
N PHE A 474 -20.99 -12.71 0.84
CA PHE A 474 -20.69 -12.03 -0.42
C PHE A 474 -21.20 -10.60 -0.32
N THR A 475 -20.31 -9.64 -0.50
CA THR A 475 -20.64 -8.22 -0.39
C THR A 475 -20.32 -7.51 -1.70
N ASP A 476 -20.55 -6.20 -1.70
CA ASP A 476 -20.28 -5.35 -2.86
C ASP A 476 -20.02 -3.93 -2.37
N PRO A 477 -18.75 -3.52 -2.27
CA PRO A 477 -18.42 -2.23 -1.64
C PRO A 477 -19.14 -1.04 -2.24
N TYR A 478 -19.21 -0.96 -3.57
CA TYR A 478 -19.76 0.20 -4.26
C TYR A 478 -21.01 -0.23 -5.01
N PHE A 479 -22.16 -0.15 -4.33
CA PHE A 479 -23.43 -0.40 -4.99
C PHE A 479 -23.83 0.79 -5.85
N THR A 480 -23.95 1.97 -5.24
CA THR A 480 -24.26 3.19 -5.98
C THR A 480 -22.96 3.78 -6.54
N ALA A 481 -23.04 5.02 -7.03
CA ALA A 481 -21.87 5.66 -7.60
C ALA A 481 -20.90 6.14 -6.53
N ASP A 482 -21.41 6.73 -5.44
CA ASP A 482 -20.53 7.25 -4.40
C ASP A 482 -20.03 6.12 -3.50
N GLY A 483 -20.93 5.49 -2.77
CA GLY A 483 -20.59 4.26 -2.06
C GLY A 483 -21.70 3.74 -1.18
N VAL A 484 -22.02 2.45 -1.31
CA VAL A 484 -22.96 1.76 -0.45
C VAL A 484 -22.51 0.30 -0.35
N SER A 485 -22.09 -0.13 0.84
CA SER A 485 -21.66 -1.50 1.03
C SER A 485 -22.88 -2.39 1.17
N LEU A 486 -23.30 -3.01 0.08
CA LEU A 486 -24.43 -3.93 0.06
C LEU A 486 -23.94 -5.35 -0.16
N GLY A 487 -24.62 -6.30 0.48
CA GLY A 487 -24.22 -7.69 0.35
C GLY A 487 -25.28 -8.62 0.90
N TYR A 488 -24.95 -9.91 0.89
CA TYR A 488 -25.84 -10.94 1.39
C TYR A 488 -25.02 -11.99 2.11
N ASP A 489 -25.67 -12.75 2.98
CA ASP A 489 -25.00 -13.80 3.73
C ASP A 489 -26.02 -14.84 4.17
N ILE A 490 -25.50 -16.04 4.48
CA ILE A 490 -26.30 -17.15 4.96
C ILE A 490 -25.50 -17.88 6.02
N TYR A 491 -26.10 -18.10 7.19
CA TYR A 491 -25.43 -18.78 8.29
C TYR A 491 -26.34 -19.83 8.89
N GLY A 492 -25.72 -20.85 9.48
CA GLY A 492 -26.44 -21.94 10.11
C GLY A 492 -25.95 -22.24 11.51
N LYS A 493 -25.66 -21.17 12.27
CA LYS A 493 -25.09 -21.31 13.60
C LYS A 493 -25.92 -22.22 14.49
N ALA A 494 -25.23 -23.09 15.22
CA ALA A 494 -25.86 -24.00 16.19
C ALA A 494 -25.00 -24.04 17.44
N PHE A 495 -25.65 -24.01 18.60
CA PHE A 495 -24.95 -23.91 19.88
C PHE A 495 -25.58 -24.88 20.89
N ASP A 496 -24.72 -25.63 21.58
CA ASP A 496 -25.18 -26.57 22.60
C ASP A 496 -24.08 -26.80 23.63
N PRO A 497 -24.26 -26.37 24.87
CA PRO A 497 -23.21 -26.48 25.89
C PRO A 497 -23.22 -27.78 26.69
N ARG A 498 -23.96 -28.80 26.28
CA ARG A 498 -24.00 -30.08 27.01
C ARG A 498 -22.66 -30.77 26.77
N LYS A 499 -21.69 -30.39 27.58
CA LYS A 499 -20.29 -30.73 27.33
C LYS A 499 -19.58 -30.88 28.67
N ALA A 500 -18.25 -30.73 28.64
CA ALA A 500 -17.36 -31.05 29.75
C ALA A 500 -17.64 -30.22 31.01
N SER A 501 -16.83 -30.46 32.05
CA SER A 501 -17.06 -30.07 33.44
C SER A 501 -17.81 -28.76 33.62
N THR A 502 -17.46 -27.73 32.85
CA THR A 502 -18.15 -26.44 32.98
C THR A 502 -19.57 -26.61 32.46
N SER A 503 -20.50 -26.90 33.37
CA SER A 503 -21.88 -27.20 33.01
C SER A 503 -22.68 -25.90 32.94
N VAL A 504 -22.46 -25.15 31.85
CA VAL A 504 -23.29 -23.99 31.57
C VAL A 504 -24.74 -24.46 31.41
N LYS A 505 -25.67 -23.55 31.74
CA LYS A 505 -27.10 -23.84 31.70
C LYS A 505 -27.48 -24.64 30.46
N GLN A 506 -28.29 -25.68 30.67
CA GLN A 506 -28.55 -26.67 29.63
C GLN A 506 -29.67 -26.18 28.72
N TYR A 507 -29.32 -25.90 27.47
CA TYR A 507 -30.29 -25.54 26.44
C TYR A 507 -29.61 -25.64 25.09
N LYS A 508 -30.29 -26.29 24.14
CA LYS A 508 -29.76 -26.45 22.79
C LYS A 508 -30.42 -25.45 21.85
N THR A 509 -29.60 -24.80 21.04
CA THR A 509 -30.08 -23.77 20.13
C THR A 509 -29.52 -24.01 18.73
N THR A 510 -30.34 -23.73 17.72
CA THR A 510 -29.93 -23.87 16.33
C THR A 510 -30.57 -22.76 15.52
N THR A 511 -29.76 -22.02 14.78
CA THR A 511 -30.22 -20.88 14.01
C THR A 511 -29.90 -21.08 12.54
N ALA A 512 -30.69 -20.42 11.70
CA ALA A 512 -30.51 -20.49 10.26
C ALA A 512 -31.26 -19.34 9.61
N GLY A 513 -30.74 -18.88 8.47
CA GLY A 513 -31.36 -17.76 7.77
C GLY A 513 -30.35 -16.71 7.35
N GLY A 514 -30.73 -15.86 6.41
CA GLY A 514 -29.85 -14.81 5.93
C GLY A 514 -30.37 -13.42 6.15
N GLY A 515 -29.81 -12.45 5.42
CA GLY A 515 -30.26 -11.08 5.55
C GLY A 515 -29.43 -10.07 4.79
N VAL A 516 -30.09 -9.06 4.22
CA VAL A 516 -29.37 -8.02 3.49
C VAL A 516 -28.69 -7.08 4.47
N ARG A 517 -27.41 -6.82 4.24
CA ARG A 517 -26.63 -5.86 5.02
C ARG A 517 -26.24 -4.70 4.11
N MET A 518 -26.53 -3.47 4.56
CA MET A 518 -26.33 -2.29 3.73
C MET A 518 -25.63 -1.21 4.53
N GLY A 519 -24.54 -0.68 3.97
CA GLY A 519 -23.86 0.45 4.56
C GLY A 519 -24.27 1.75 3.90
N ILE A 520 -23.99 2.85 4.59
CA ILE A 520 -24.34 4.18 4.11
C ILE A 520 -23.42 5.21 4.76
N PRO A 521 -22.35 5.62 4.08
CA PRO A 521 -21.45 6.62 4.66
C PRO A 521 -22.14 7.97 4.83
N VAL A 522 -21.98 8.55 6.01
CA VAL A 522 -22.60 9.83 6.32
C VAL A 522 -21.56 10.94 6.22
N THR A 523 -20.30 10.60 6.48
CA THR A 523 -19.21 11.56 6.36
C THR A 523 -17.96 10.81 5.91
N GLU A 524 -16.90 11.58 5.63
CA GLU A 524 -15.66 11.02 5.11
C GLU A 524 -15.05 10.01 6.07
N TYR A 525 -15.16 10.26 7.37
CA TYR A 525 -14.52 9.41 8.37
C TYR A 525 -15.48 8.34 8.90
N ASP A 526 -16.59 8.76 9.50
CA ASP A 526 -17.54 7.83 10.08
C ASP A 526 -18.44 7.23 9.01
N ARG A 527 -18.88 6.00 9.25
CA ARG A 527 -19.64 5.26 8.25
C ARG A 527 -20.50 4.23 8.98
N VAL A 528 -21.80 4.54 9.11
CA VAL A 528 -22.74 3.62 9.74
C VAL A 528 -23.13 2.54 8.74
N ASN A 529 -23.74 1.46 9.21
CA ASN A 529 -24.17 0.38 8.34
C ASN A 529 -25.39 -0.29 8.95
N PHE A 530 -26.47 -0.37 8.18
CA PHE A 530 -27.71 -0.98 8.63
C PHE A 530 -27.78 -2.43 8.17
N GLY A 531 -28.46 -3.26 8.96
CA GLY A 531 -28.59 -4.65 8.61
C GLY A 531 -29.92 -5.27 8.98
N LEU A 532 -30.60 -5.83 8.00
CA LEU A 532 -31.83 -6.57 8.21
C LEU A 532 -31.57 -8.05 7.95
N ALA A 533 -32.29 -8.89 8.68
CA ALA A 533 -32.08 -10.34 8.56
C ALA A 533 -33.34 -11.07 8.96
N ALA A 534 -33.53 -12.24 8.36
CA ALA A 534 -34.65 -13.13 8.68
C ALA A 534 -34.06 -14.48 9.09
N GLU A 535 -34.03 -14.74 10.39
CA GLU A 535 -33.44 -15.94 10.93
C GLU A 535 -34.51 -16.89 11.45
N HIS A 536 -34.33 -18.17 11.19
CA HIS A 536 -35.15 -19.22 11.80
C HIS A 536 -34.39 -19.82 12.97
N LEU A 537 -35.11 -20.03 14.07
CA LEU A 537 -34.50 -20.47 15.31
C LEU A 537 -35.33 -21.58 15.93
N THR A 538 -34.63 -22.58 16.48
CA THR A 538 -35.27 -23.64 17.24
C THR A 538 -34.45 -23.89 18.50
N VAL A 539 -35.11 -23.84 19.65
CA VAL A 539 -34.48 -24.09 20.94
C VAL A 539 -34.98 -25.43 21.46
N ASN A 540 -34.08 -26.19 22.08
CA ASN A 540 -34.39 -27.50 22.62
C ASN A 540 -33.84 -27.59 24.03
N THR A 541 -34.70 -27.95 24.98
CA THR A 541 -34.27 -28.14 26.36
C THR A 541 -33.86 -29.59 26.59
N TYR A 542 -33.60 -29.91 27.85
CA TYR A 542 -33.18 -31.24 28.27
C TYR A 542 -34.04 -31.75 29.42
N ASN A 543 -33.59 -32.80 30.11
CA ASN A 543 -34.27 -33.31 31.29
C ASN A 543 -34.49 -32.17 32.29
N LYS A 544 -35.37 -32.39 33.28
CA LYS A 544 -36.05 -31.35 34.04
C LYS A 544 -35.18 -30.12 34.28
N ALA A 545 -35.71 -28.96 33.88
CA ALA A 545 -35.14 -27.64 33.70
C ALA A 545 -35.25 -26.81 34.97
N PRO A 546 -34.40 -25.80 35.12
CA PRO A 546 -34.51 -24.91 36.27
C PRO A 546 -35.76 -24.04 36.20
N LYS A 547 -35.90 -23.16 37.20
CA LYS A 547 -37.09 -22.34 37.31
C LYS A 547 -37.24 -21.39 36.12
N ARG A 548 -36.14 -20.79 35.68
CA ARG A 548 -36.18 -19.80 34.61
C ARG A 548 -36.34 -20.41 33.22
N TYR A 549 -36.53 -21.73 33.12
CA TYR A 549 -36.67 -22.39 31.83
C TYR A 549 -38.05 -23.00 31.63
N ALA A 550 -38.61 -23.64 32.67
CA ALA A 550 -39.91 -24.27 32.54
C ALA A 550 -40.99 -23.25 32.26
N ASP A 551 -40.93 -22.09 32.90
CA ASP A 551 -41.92 -21.05 32.65
C ASP A 551 -41.89 -20.60 31.19
N PHE A 552 -40.70 -20.40 30.64
CA PHE A 552 -40.59 -19.99 29.25
C PHE A 552 -41.08 -21.08 28.30
N ILE A 553 -40.71 -22.33 28.58
CA ILE A 553 -41.08 -23.41 27.66
C ILE A 553 -42.56 -23.73 27.75
N ARG A 554 -43.23 -23.39 28.86
CA ARG A 554 -44.67 -23.57 28.95
C ARG A 554 -45.44 -22.33 28.51
N LYS A 555 -44.77 -21.17 28.43
CA LYS A 555 -45.42 -19.98 27.92
C LYS A 555 -45.34 -19.88 26.40
N TYR A 556 -44.27 -20.41 25.80
CA TYR A 556 -44.12 -20.31 24.36
C TYR A 556 -43.89 -21.64 23.68
N GLY A 557 -43.15 -22.56 24.29
CA GLY A 557 -42.83 -23.82 23.67
C GLY A 557 -43.90 -24.86 23.86
N LYS A 558 -43.65 -26.04 23.30
CA LYS A 558 -44.56 -27.18 23.39
C LYS A 558 -43.80 -28.35 23.97
N THR A 559 -44.37 -28.98 24.99
CA THR A 559 -43.70 -30.05 25.71
C THR A 559 -43.79 -31.37 24.93
N ASP A 560 -42.75 -32.19 25.07
CA ASP A 560 -42.70 -33.52 24.45
C ASP A 560 -42.26 -34.49 25.53
N GLY A 561 -43.23 -35.05 26.25
CA GLY A 561 -42.90 -35.96 27.33
C GLY A 561 -42.18 -35.23 28.45
N ALA A 562 -40.98 -35.71 28.79
CA ALA A 562 -40.14 -35.07 29.79
C ALA A 562 -39.25 -33.98 29.21
N ASP A 563 -39.58 -33.46 28.04
CA ASP A 563 -38.78 -32.44 27.38
C ASP A 563 -39.70 -31.57 26.54
N GLY A 564 -39.10 -30.67 25.76
CA GLY A 564 -39.87 -29.80 24.89
C GLY A 564 -38.95 -29.01 23.99
N SER A 565 -39.56 -28.16 23.16
CA SER A 565 -38.82 -27.36 22.20
C SER A 565 -39.70 -26.20 21.75
N PHE A 566 -39.17 -25.39 20.85
CA PHE A 566 -39.88 -24.23 20.32
C PHE A 566 -39.34 -23.91 18.92
N LYS A 567 -40.22 -23.40 18.07
CA LYS A 567 -39.87 -23.02 16.71
C LYS A 567 -40.52 -21.68 16.38
N GLY A 568 -39.81 -20.86 15.62
CA GLY A 568 -40.35 -19.56 15.24
C GLY A 568 -39.45 -18.85 14.25
N LEU A 569 -39.78 -17.60 14.00
CA LEU A 569 -39.02 -16.74 13.10
C LEU A 569 -38.50 -15.53 13.86
N LEU A 570 -37.41 -14.95 13.36
CA LEU A 570 -36.66 -13.91 14.07
C LEU A 570 -36.37 -12.73 13.14
N TYR A 571 -37.39 -12.22 12.47
CA TYR A 571 -37.26 -11.01 11.69
C TYR A 571 -36.68 -9.89 12.55
N LYS A 572 -35.47 -9.43 12.23
CA LYS A 572 -34.75 -8.52 13.11
C LYS A 572 -33.94 -7.54 12.28
N GLY A 573 -33.62 -6.40 12.89
CA GLY A 573 -32.77 -5.40 12.29
C GLY A 573 -31.50 -5.20 13.10
N THR A 574 -30.60 -4.39 12.54
CA THR A 574 -29.30 -4.16 13.17
C THR A 574 -28.74 -2.83 12.69
N VAL A 575 -28.44 -1.95 13.65
CA VAL A 575 -27.75 -0.70 13.38
C VAL A 575 -26.37 -0.75 14.04
N GLY A 576 -25.34 -0.44 13.28
CA GLY A 576 -23.99 -0.51 13.80
C GLY A 576 -23.15 0.67 13.33
N TRP A 577 -22.04 0.87 14.03
CA TRP A 577 -21.09 1.93 13.70
C TRP A 577 -19.74 1.65 14.37
N GLY A 578 -18.67 1.62 13.58
CA GLY A 578 -17.37 1.32 14.14
C GLY A 578 -16.22 2.00 13.41
N ARG A 579 -15.36 2.67 14.17
CA ARG A 579 -14.17 3.31 13.64
C ARG A 579 -12.94 2.81 14.37
N ASN A 580 -11.79 2.92 13.71
CA ASN A 580 -10.54 2.43 14.26
C ASN A 580 -9.40 3.24 13.69
N LYS A 581 -8.50 3.71 14.56
CA LYS A 581 -7.37 4.52 14.13
C LYS A 581 -6.07 4.08 14.78
N THR A 582 -5.94 2.79 15.08
CA THR A 582 -4.68 2.29 15.60
C THR A 582 -3.65 2.19 14.47
N ASP A 583 -2.38 2.32 14.84
CA ASP A 583 -1.30 2.32 13.86
C ASP A 583 -0.99 0.92 13.32
N SER A 584 -1.51 -0.13 13.96
CA SER A 584 -1.26 -1.49 13.51
C SER A 584 -2.26 -2.41 14.20
N ALA A 585 -2.56 -3.53 13.53
CA ALA A 585 -3.46 -4.53 14.11
C ALA A 585 -2.84 -5.13 15.37
N SER A 586 -1.64 -5.67 15.24
CA SER A 586 -0.89 -6.20 16.38
C SER A 586 0.14 -5.18 16.84
N TRP A 587 0.52 -5.30 18.11
CA TRP A 587 1.46 -4.38 18.75
C TRP A 587 0.99 -2.94 18.59
N PRO A 588 -0.08 -2.54 19.29
CA PRO A 588 -0.69 -1.23 19.03
C PRO A 588 0.11 -0.06 19.60
N THR A 589 -0.34 1.15 19.28
CA THR A 589 0.24 2.41 19.73
C THR A 589 -0.91 3.40 19.87
N ARG A 590 -0.58 4.70 19.88
CA ARG A 590 -1.59 5.75 19.91
C ARG A 590 -2.70 5.47 18.90
N GLY A 591 -3.94 5.60 19.36
CA GLY A 591 -5.10 5.24 18.57
C GLY A 591 -6.16 4.62 19.46
N TYR A 592 -7.36 4.40 18.94
CA TYR A 592 -8.44 3.90 19.79
C TYR A 592 -9.53 3.26 18.94
N LEU A 593 -10.00 2.10 19.37
CA LEU A 593 -11.15 1.46 18.75
C LEU A 593 -12.43 1.89 19.47
N THR A 594 -13.49 2.08 18.69
CA THR A 594 -14.78 2.48 19.23
C THR A 594 -15.87 1.90 18.34
N GLY A 595 -16.97 1.50 18.97
CA GLY A 595 -18.06 0.92 18.23
C GLY A 595 -19.36 1.00 19.00
N VAL A 596 -20.45 1.02 18.24
CA VAL A 596 -21.80 0.98 18.79
C VAL A 596 -22.58 -0.07 18.01
N ASN A 597 -23.34 -0.89 18.73
CA ASN A 597 -24.11 -1.95 18.11
C ASN A 597 -25.49 -2.02 18.74
N ALA A 598 -26.46 -2.46 17.95
CA ALA A 598 -27.84 -2.55 18.43
C ALA A 598 -28.58 -3.58 17.58
N GLU A 599 -29.04 -4.65 18.22
CA GLU A 599 -29.81 -5.69 17.56
C GLU A 599 -31.25 -5.62 18.06
N ILE A 600 -32.16 -5.23 17.17
CA ILE A 600 -33.57 -5.05 17.50
C ILE A 600 -34.38 -6.05 16.71
N ALA A 601 -35.20 -6.84 17.40
CA ALA A 601 -36.10 -7.78 16.75
C ALA A 601 -37.39 -7.04 16.44
N LEU A 602 -37.52 -6.61 15.18
CA LEU A 602 -38.70 -5.88 14.76
C LEU A 602 -39.94 -6.75 14.94
N PRO A 603 -41.04 -6.19 15.47
CA PRO A 603 -42.26 -7.00 15.68
C PRO A 603 -42.81 -7.60 14.40
N GLY A 604 -43.78 -8.49 14.55
CA GLY A 604 -44.29 -9.26 13.43
C GLY A 604 -44.09 -10.73 13.67
N SER A 605 -43.00 -11.08 14.36
CA SER A 605 -42.71 -12.43 14.79
C SER A 605 -42.61 -12.46 16.31
N LYS A 606 -42.48 -13.67 16.84
CA LYS A 606 -42.38 -13.85 18.29
C LYS A 606 -41.07 -13.27 18.81
N LEU A 607 -40.96 -13.24 20.13
CA LEU A 607 -39.72 -12.87 20.82
C LEU A 607 -39.26 -11.46 20.43
N GLN A 608 -40.08 -10.48 20.82
CA GLN A 608 -39.76 -9.08 20.58
C GLN A 608 -38.78 -8.61 21.65
N TYR A 609 -37.51 -8.47 21.27
CA TYR A 609 -36.48 -8.00 22.19
C TYR A 609 -35.47 -7.16 21.43
N TYR A 610 -34.73 -6.36 22.19
CA TYR A 610 -33.69 -5.50 21.62
C TYR A 610 -32.50 -5.45 22.57
N SER A 611 -31.31 -5.27 22.01
CA SER A 611 -30.08 -5.26 22.80
C SER A 611 -29.09 -4.28 22.18
N ALA A 612 -28.59 -3.37 23.00
CA ALA A 612 -27.58 -2.42 22.57
C ALA A 612 -26.21 -2.86 23.07
N THR A 613 -25.16 -2.19 22.63
CA THR A 613 -23.79 -2.54 23.00
C THR A 613 -22.93 -1.30 22.80
N HIS A 614 -21.80 -1.24 23.50
CA HIS A 614 -20.84 -0.15 23.36
C HIS A 614 -19.44 -0.76 23.38
N ASN A 615 -18.44 0.07 23.08
CA ASN A 615 -17.06 -0.41 23.02
C ASN A 615 -16.07 0.75 23.01
N GLN A 616 -15.09 0.71 23.92
CA GLN A 616 -14.05 1.72 23.99
C GLN A 616 -12.74 1.14 24.50
N THR A 617 -11.65 1.32 23.75
CA THR A 617 -10.35 0.75 24.09
C THR A 617 -9.26 1.80 23.92
N TRP A 618 -9.47 2.98 24.51
CA TRP A 618 -8.50 4.06 24.44
C TRP A 618 -7.10 3.59 24.79
N PHE A 619 -6.14 3.92 23.92
CA PHE A 619 -4.73 3.63 24.14
C PHE A 619 -4.00 4.88 24.61
N PHE A 620 -2.81 4.68 25.17
CA PHE A 620 -1.98 5.78 25.65
C PHE A 620 -0.51 5.39 25.62
N PRO A 621 0.26 5.91 24.67
CA PRO A 621 1.71 5.61 24.61
C PRO A 621 2.54 6.59 25.43
N LEU A 622 2.48 6.43 26.75
CA LEU A 622 3.17 7.31 27.68
C LEU A 622 4.63 6.92 27.91
N SER A 623 5.18 6.06 27.05
CA SER A 623 6.57 5.63 27.17
C SER A 623 6.99 4.98 25.87
N LYS A 624 8.30 4.98 25.61
CA LYS A 624 8.85 4.35 24.42
C LYS A 624 8.69 2.84 24.43
N THR A 625 8.47 2.24 25.59
CA THR A 625 8.26 0.80 25.71
C THR A 625 6.96 0.45 26.41
N PHE A 626 6.58 1.21 27.44
CA PHE A 626 5.34 0.95 28.17
C PHE A 626 4.20 1.70 27.51
N THR A 627 3.09 0.99 27.28
CA THR A 627 1.89 1.60 26.72
C THR A 627 0.68 1.19 27.56
N LEU A 628 -0.34 2.03 27.53
CA LEU A 628 -1.54 1.86 28.34
C LEU A 628 -2.74 1.57 27.44
N MET A 629 -3.76 0.96 28.03
CA MET A 629 -5.02 0.72 27.35
C MET A 629 -6.16 0.91 28.35
N LEU A 630 -7.18 1.65 27.94
CA LEU A 630 -8.33 1.94 28.77
C LEU A 630 -9.55 1.24 28.16
N GLY A 631 -9.84 0.05 28.65
CA GLY A 631 -10.98 -0.71 28.15
C GLY A 631 -12.30 -0.10 28.58
N GLY A 632 -13.37 -0.79 28.23
CA GLY A 632 -14.70 -0.36 28.61
C GLY A 632 -15.77 -0.70 27.60
N GLU A 633 -16.91 -1.18 28.08
CA GLU A 633 -18.05 -1.46 27.22
C GLU A 633 -19.30 -1.51 28.10
N VAL A 634 -20.44 -1.20 27.49
CA VAL A 634 -21.72 -1.17 28.17
C VAL A 634 -22.77 -1.77 27.26
N GLY A 635 -23.62 -2.62 27.82
CA GLY A 635 -24.66 -3.25 27.04
C GLY A 635 -25.95 -3.48 27.81
N ILE A 636 -27.09 -3.18 27.18
CA ILE A 636 -28.40 -3.35 27.79
C ILE A 636 -29.28 -4.13 26.82
N ALA A 637 -30.04 -5.08 27.36
CA ALA A 637 -30.97 -5.89 26.58
C ALA A 637 -32.35 -5.76 27.22
N GLY A 638 -33.08 -4.72 26.83
CA GLY A 638 -34.40 -4.48 27.40
C GLY A 638 -35.48 -5.32 26.78
N GLY A 639 -36.58 -5.45 27.49
CA GLY A 639 -37.76 -6.18 27.03
C GLY A 639 -38.84 -5.22 26.59
N TYR A 640 -39.53 -5.59 25.51
CA TYR A 640 -40.56 -4.72 24.93
C TYR A 640 -41.53 -5.60 24.16
N GLY A 641 -42.63 -4.97 23.73
CA GLY A 641 -43.61 -5.69 22.93
C GLY A 641 -44.40 -6.70 23.74
N ARG A 642 -44.63 -7.86 23.13
CA ARG A 642 -45.43 -8.90 23.79
C ARG A 642 -44.73 -9.42 25.04
N THR A 643 -43.54 -10.00 24.88
CA THR A 643 -42.84 -10.61 26.00
C THR A 643 -42.24 -9.53 26.90
N LYS A 644 -42.55 -9.61 28.19
CA LYS A 644 -42.00 -8.67 29.16
C LYS A 644 -40.61 -9.09 29.63
N GLU A 645 -40.31 -10.38 29.64
CA GLU A 645 -39.00 -10.87 30.04
C GLU A 645 -38.07 -10.92 28.84
N ILE A 646 -36.90 -11.53 29.01
CA ILE A 646 -35.93 -11.68 27.94
C ILE A 646 -35.55 -13.15 27.84
N PRO A 647 -35.57 -13.76 26.65
CA PRO A 647 -35.18 -15.16 26.53
C PRO A 647 -33.74 -15.37 26.99
N PHE A 648 -33.50 -16.50 27.65
CA PHE A 648 -32.19 -16.76 28.25
C PHE A 648 -31.12 -16.97 27.18
N PHE A 649 -31.47 -17.56 26.04
CA PHE A 649 -30.47 -17.81 25.02
C PHE A 649 -30.03 -16.55 24.29
N GLU A 650 -30.61 -15.39 24.61
CA GLU A 650 -30.15 -14.12 24.07
C GLU A 650 -29.74 -13.19 25.21
N ASN A 651 -29.46 -13.76 26.37
CA ASN A 651 -29.01 -13.00 27.53
C ASN A 651 -27.51 -12.74 27.41
N PHE A 652 -26.93 -12.06 28.38
CA PHE A 652 -25.51 -11.79 28.41
C PHE A 652 -24.82 -12.69 29.43
N TYR A 653 -23.61 -13.12 29.09
CA TYR A 653 -22.82 -14.02 29.93
C TYR A 653 -21.61 -13.25 30.44
N GLY A 654 -21.66 -12.83 31.70
CA GLY A 654 -20.54 -12.14 32.30
C GLY A 654 -19.47 -13.10 32.79
N GLY A 655 -18.25 -12.56 32.91
CA GLY A 655 -17.13 -13.37 33.35
C GLY A 655 -16.50 -14.15 32.23
N GLY A 656 -15.18 -14.11 32.14
CA GLY A 656 -14.47 -14.81 31.08
C GLY A 656 -13.12 -14.18 30.85
N LEU A 657 -12.40 -14.77 29.88
CA LEU A 657 -11.03 -14.34 29.59
C LEU A 657 -10.98 -12.89 29.17
N GLY A 658 -11.69 -12.54 28.10
CA GLY A 658 -11.67 -11.16 27.63
C GLY A 658 -12.40 -10.20 28.54
N SER A 659 -13.33 -10.71 29.35
CA SER A 659 -14.15 -9.83 30.17
C SER A 659 -13.45 -9.45 31.47
N VAL A 660 -13.13 -10.43 32.31
CA VAL A 660 -12.62 -10.16 33.64
C VAL A 660 -11.22 -10.73 33.83
N ARG A 661 -10.83 -11.64 32.93
CA ARG A 661 -9.49 -12.23 32.94
C ARG A 661 -9.24 -13.05 34.20
N GLY A 662 -10.26 -13.23 35.03
CA GLY A 662 -10.09 -13.93 36.29
C GLY A 662 -10.76 -15.28 36.34
N TYR A 663 -11.86 -15.37 37.09
CA TYR A 663 -12.61 -16.61 37.28
C TYR A 663 -13.15 -17.18 35.97
N GLU A 664 -13.65 -18.41 36.02
CA GLU A 664 -14.14 -19.10 34.83
C GLU A 664 -15.29 -18.31 34.21
N SER A 665 -15.47 -18.51 32.90
CA SER A 665 -16.53 -17.82 32.18
C SER A 665 -17.89 -18.37 32.54
N GLY A 666 -18.91 -17.54 32.35
CA GLY A 666 -20.28 -17.96 32.62
C GLY A 666 -20.61 -18.21 34.08
N THR A 667 -19.81 -17.66 34.99
CA THR A 667 -20.06 -17.82 36.41
C THR A 667 -20.50 -16.53 37.09
N LEU A 668 -20.63 -15.44 36.34
CA LEU A 668 -21.10 -14.18 36.91
C LEU A 668 -22.63 -14.20 37.02
N GLY A 669 -23.18 -13.13 37.60
CA GLY A 669 -24.61 -13.00 37.71
C GLY A 669 -25.22 -13.94 38.72
N PRO A 670 -26.53 -14.15 38.64
CA PRO A 670 -27.20 -15.03 39.59
C PRO A 670 -26.81 -16.49 39.38
N LYS A 671 -26.82 -17.24 40.48
CA LYS A 671 -26.53 -18.67 40.46
C LYS A 671 -27.60 -19.40 41.25
N VAL A 672 -28.16 -20.44 40.65
CA VAL A 672 -29.25 -21.20 41.27
C VAL A 672 -28.89 -22.68 41.27
N TYR A 673 -29.62 -23.44 42.09
CA TYR A 673 -29.43 -24.88 42.17
C TYR A 673 -30.42 -25.59 41.24
N ASP A 674 -29.99 -26.74 40.73
CA ASP A 674 -30.82 -27.58 39.87
C ASP A 674 -30.83 -29.00 40.43
N GLU A 675 -31.34 -29.93 39.62
CA GLU A 675 -31.38 -31.33 40.02
C GLU A 675 -29.98 -31.84 40.32
N TYR A 676 -29.90 -32.84 41.20
CA TYR A 676 -28.65 -33.46 41.64
C TYR A 676 -27.74 -32.48 42.37
N GLY A 677 -28.29 -31.35 42.83
CA GLY A 677 -27.52 -30.38 43.59
C GLY A 677 -26.36 -29.78 42.83
N GLU A 678 -26.62 -29.33 41.60
CA GLU A 678 -25.60 -28.71 40.76
C GLU A 678 -25.79 -27.20 40.75
N LYS A 679 -24.85 -26.51 40.09
CA LYS A 679 -24.82 -25.06 40.04
C LYS A 679 -24.78 -24.61 38.59
N ILE A 680 -25.66 -23.68 38.23
CA ILE A 680 -25.72 -23.08 36.91
C ILE A 680 -25.78 -21.56 37.07
N SER A 681 -25.88 -20.87 35.94
CA SER A 681 -25.91 -19.41 35.94
C SER A 681 -26.72 -18.93 34.74
N TYR A 682 -27.73 -18.09 35.01
CA TYR A 682 -28.56 -17.58 33.92
C TYR A 682 -27.86 -16.46 33.17
N GLY A 683 -27.54 -15.37 33.86
CA GLY A 683 -27.02 -14.19 33.24
C GLY A 683 -28.05 -13.08 33.18
N GLY A 684 -27.57 -11.84 33.24
CA GLY A 684 -28.44 -10.67 33.28
C GLY A 684 -28.21 -9.76 32.09
N ASN A 685 -29.10 -8.79 31.95
CA ASN A 685 -29.15 -7.91 30.79
C ASN A 685 -28.66 -6.51 31.12
N LYS A 686 -27.66 -6.40 31.99
CA LYS A 686 -27.02 -5.12 32.29
C LYS A 686 -25.53 -5.39 32.46
N LYS A 687 -24.78 -5.27 31.37
CA LYS A 687 -23.37 -5.59 31.35
C LYS A 687 -22.52 -4.33 31.29
N ALA A 688 -21.32 -4.41 31.87
CA ALA A 688 -20.31 -3.37 31.84
C ALA A 688 -19.05 -3.91 32.47
N ASN A 689 -17.91 -3.36 32.06
CA ASN A 689 -16.63 -3.70 32.65
C ASN A 689 -15.58 -2.70 32.16
N VAL A 690 -14.61 -2.41 33.01
CA VAL A 690 -13.53 -1.48 32.71
C VAL A 690 -12.21 -2.22 32.83
N SER A 691 -11.36 -2.09 31.81
CA SER A 691 -10.09 -2.79 31.77
C SER A 691 -8.94 -1.78 31.72
N ALA A 692 -7.79 -2.20 32.24
CA ALA A 692 -6.59 -1.38 32.26
C ALA A 692 -5.37 -2.26 32.49
N GLU A 693 -4.36 -2.16 31.62
CA GLU A 693 -3.17 -2.99 31.71
C GLU A 693 -1.95 -2.09 31.57
N LEU A 694 -0.76 -2.72 31.60
CA LEU A 694 0.50 -2.04 31.34
C LEU A 694 1.27 -2.91 30.37
N LEU A 695 1.17 -2.58 29.08
CA LEU A 695 1.61 -3.46 28.00
C LEU A 695 2.98 -3.01 27.50
N PHE A 696 3.90 -3.98 27.37
CA PHE A 696 5.25 -3.71 26.91
C PHE A 696 5.89 -5.03 26.51
N PRO A 697 6.83 -5.01 25.56
CA PRO A 697 7.48 -6.27 25.15
C PRO A 697 8.60 -6.67 26.11
N MET A 698 9.31 -7.75 25.75
CA MET A 698 10.40 -8.24 26.59
C MET A 698 11.66 -7.44 26.32
N PRO A 699 12.20 -6.71 27.32
CA PRO A 699 13.42 -5.93 27.08
C PRO A 699 14.68 -6.75 27.33
N GLY A 700 14.54 -8.07 27.42
CA GLY A 700 15.67 -8.93 27.74
C GLY A 700 16.65 -9.11 26.59
N ALA A 701 16.18 -9.62 25.46
CA ALA A 701 17.05 -9.91 24.32
C ALA A 701 17.11 -8.76 23.33
N LYS A 702 15.98 -8.37 22.77
CA LYS A 702 15.92 -7.26 21.82
C LYS A 702 14.46 -6.83 21.68
N ASP A 703 14.19 -6.01 20.66
CA ASP A 703 12.85 -5.51 20.38
C ASP A 703 12.10 -6.37 19.36
N ALA A 704 12.35 -7.67 19.35
CA ALA A 704 11.69 -8.58 18.42
C ALA A 704 10.18 -8.47 18.52
N ARG A 705 9.52 -8.24 17.38
CA ARG A 705 8.08 -8.07 17.33
C ARG A 705 7.41 -9.44 17.30
N THR A 706 7.58 -10.17 18.40
CA THR A 706 7.02 -11.52 18.52
C THR A 706 6.20 -11.75 19.79
N VAL A 707 6.58 -11.17 20.93
CA VAL A 707 5.90 -11.40 22.19
C VAL A 707 5.70 -10.08 22.92
N ARG A 708 4.52 -9.91 23.53
CA ARG A 708 4.23 -8.77 24.38
C ARG A 708 3.71 -9.26 25.71
N LEU A 709 3.98 -8.48 26.77
CA LEU A 709 3.60 -8.84 28.13
C LEU A 709 2.80 -7.72 28.76
N SER A 710 1.95 -8.08 29.72
CA SER A 710 1.08 -7.12 30.39
C SER A 710 0.72 -7.67 31.76
N LEU A 711 -0.04 -6.88 32.50
CA LEU A 711 -0.65 -7.30 33.76
C LEU A 711 -2.11 -6.88 33.75
N PHE A 712 -2.99 -7.83 34.05
CA PHE A 712 -4.43 -7.57 33.95
C PHE A 712 -4.94 -6.87 35.19
N ALA A 713 -5.83 -5.91 34.99
CA ALA A 713 -6.50 -5.20 36.08
C ALA A 713 -7.83 -4.72 35.54
N ASP A 714 -8.90 -5.44 35.86
CA ASP A 714 -10.19 -5.17 35.24
C ASP A 714 -11.31 -5.70 36.13
N ALA A 715 -12.43 -4.98 36.11
CA ALA A 715 -13.62 -5.39 36.83
C ALA A 715 -14.62 -6.02 35.85
N GLY A 716 -15.83 -6.30 36.33
CA GLY A 716 -16.89 -6.82 35.49
C GLY A 716 -18.22 -6.42 36.10
N SER A 717 -19.29 -6.79 35.40
CA SER A 717 -20.63 -6.54 35.93
C SER A 717 -21.66 -7.26 35.06
N VAL A 718 -22.72 -7.71 35.71
CA VAL A 718 -23.90 -8.25 35.03
C VAL A 718 -25.05 -8.24 36.02
N TRP A 719 -26.23 -7.82 35.58
CA TRP A 719 -27.36 -7.64 36.47
C TRP A 719 -28.67 -7.92 35.72
N ASP A 720 -29.70 -8.27 36.50
CA ASP A 720 -31.01 -8.56 35.92
C ASP A 720 -32.08 -7.69 36.55
N GLY A 721 -31.85 -7.24 37.79
CA GLY A 721 -32.78 -6.37 38.50
C GLY A 721 -33.65 -7.06 39.52
N ARG A 722 -34.04 -8.30 39.27
CA ARG A 722 -34.93 -9.03 40.16
C ARG A 722 -34.13 -9.57 41.34
N THR A 723 -34.78 -10.41 42.16
CA THR A 723 -34.12 -11.09 43.26
C THR A 723 -34.54 -12.55 43.25
N TYR A 724 -33.64 -13.42 43.70
CA TYR A 724 -33.82 -14.86 43.62
C TYR A 724 -33.83 -15.46 45.02
N THR A 725 -34.93 -16.11 45.38
CA THR A 725 -35.04 -16.81 46.65
C THR A 725 -35.59 -18.22 46.52
N ALA A 726 -36.42 -18.51 45.51
CA ALA A 726 -36.98 -19.84 45.30
C ALA A 726 -36.11 -20.60 44.32
N ALA A 727 -35.71 -21.80 44.70
CA ALA A 727 -34.84 -22.64 43.87
C ALA A 727 -35.17 -24.09 44.17
N GLU A 728 -34.28 -25.00 43.78
CA GLU A 728 -34.47 -26.44 44.01
C GLU A 728 -34.20 -26.78 45.47
N ASN A 729 -35.04 -26.22 46.35
CA ASN A 729 -35.03 -26.43 47.79
C ASN A 729 -33.76 -25.90 48.47
N GLY A 730 -32.84 -25.28 47.72
CA GLY A 730 -31.64 -24.75 48.30
C GLY A 730 -31.15 -23.50 47.60
N ASN A 731 -30.79 -22.47 48.37
CA ASN A 731 -30.27 -21.23 47.82
C ASN A 731 -28.76 -21.20 47.98
N ASN A 732 -28.06 -20.84 46.90
CA ASN A 732 -26.60 -20.79 46.89
C ASN A 732 -26.05 -19.44 47.33
N LYS A 733 -26.85 -18.64 48.04
CA LYS A 733 -26.42 -17.34 48.53
C LYS A 733 -26.46 -17.34 50.05
N SER A 734 -25.57 -16.55 50.66
CA SER A 734 -25.47 -16.51 52.11
C SER A 734 -26.76 -16.02 52.75
N VAL A 735 -27.13 -14.76 52.47
CA VAL A 735 -28.35 -14.21 53.04
C VAL A 735 -29.55 -14.80 52.34
N TYR A 736 -30.64 -14.98 53.09
CA TYR A 736 -31.83 -15.66 52.57
C TYR A 736 -32.52 -14.86 51.46
N SER A 737 -32.35 -13.54 51.44
CA SER A 737 -33.06 -12.68 50.51
C SER A 737 -32.07 -11.82 49.71
N GLU A 738 -31.06 -12.48 49.15
CA GLU A 738 -30.05 -11.78 48.36
C GLU A 738 -30.69 -11.10 47.16
N ASN A 739 -30.61 -9.77 47.13
CA ASN A 739 -31.10 -9.01 45.98
C ASN A 739 -30.23 -9.31 44.77
N ALA A 740 -30.78 -10.04 43.81
CA ALA A 740 -30.05 -10.42 42.61
C ALA A 740 -29.90 -9.27 41.63
N HIS A 741 -30.46 -8.09 41.95
CA HIS A 741 -30.26 -6.92 41.11
C HIS A 741 -28.79 -6.57 40.95
N LYS A 742 -27.94 -7.00 41.87
CA LYS A 742 -26.50 -6.87 41.76
C LYS A 742 -25.86 -8.13 42.32
N SER A 743 -24.63 -8.40 41.88
CA SER A 743 -23.85 -9.52 42.41
C SER A 743 -23.12 -9.15 43.70
N THR A 744 -23.04 -7.86 44.02
CA THR A 744 -22.37 -7.35 45.20
C THR A 744 -22.94 -5.95 45.47
N PHE A 745 -22.21 -5.14 46.24
CA PHE A 745 -22.63 -3.78 46.55
C PHE A 745 -22.75 -2.94 45.28
N THR A 746 -23.17 -1.68 45.44
CA THR A 746 -23.50 -0.79 44.33
C THR A 746 -22.47 -0.89 43.21
N ASN A 747 -22.97 -0.91 41.97
CA ASN A 747 -22.17 -1.16 40.77
C ASN A 747 -21.47 -2.51 40.87
N GLU A 748 -22.31 -3.55 40.87
CA GLU A 748 -21.90 -4.95 40.97
C GLU A 748 -20.63 -5.24 40.18
N LEU A 749 -19.67 -5.92 40.80
CA LEU A 749 -18.37 -6.11 40.17
C LEU A 749 -17.61 -7.22 40.89
N ARG A 750 -16.53 -7.64 40.25
CA ARG A 750 -15.58 -8.57 40.85
C ARG A 750 -14.18 -8.16 40.43
N TYR A 751 -13.41 -7.60 41.37
CA TYR A 751 -12.05 -7.17 41.06
C TYR A 751 -11.20 -8.36 40.63
N SER A 752 -10.07 -8.05 39.99
CA SER A 752 -9.13 -9.07 39.55
C SER A 752 -7.80 -8.39 39.23
N ALA A 753 -6.73 -9.17 39.25
CA ALA A 753 -5.39 -8.68 38.95
C ALA A 753 -4.49 -9.86 38.67
N GLY A 754 -3.51 -9.65 37.80
CA GLY A 754 -2.57 -10.68 37.45
C GLY A 754 -1.90 -10.40 36.12
N GLY A 755 -0.78 -11.08 35.91
CA GLY A 755 -0.02 -10.88 34.69
C GLY A 755 -0.71 -11.42 33.46
N ALA A 756 -0.24 -10.94 32.30
CA ALA A 756 -0.78 -11.35 31.01
C ALA A 756 0.38 -11.54 30.05
N VAL A 757 0.57 -12.78 29.59
CA VAL A 757 1.61 -13.13 28.63
C VAL A 757 0.95 -13.38 27.28
N THR A 758 1.46 -12.72 26.24
CA THR A 758 0.90 -12.82 24.91
C THR A 758 1.99 -13.14 23.90
N TRP A 759 1.77 -14.19 23.11
CA TRP A 759 2.64 -14.56 22.01
C TRP A 759 1.83 -14.52 20.72
N LEU A 760 2.38 -13.89 19.69
CA LEU A 760 1.65 -13.57 18.47
C LEU A 760 2.27 -14.24 17.25
N SER A 761 2.58 -15.53 17.36
CA SER A 761 3.06 -16.26 16.19
C SER A 761 1.93 -16.40 15.18
N PRO A 762 2.24 -16.47 13.88
CA PRO A 762 1.16 -16.56 12.87
C PRO A 762 0.29 -17.80 12.98
N LEU A 763 0.72 -18.82 13.73
CA LEU A 763 -0.08 -20.02 13.92
C LEU A 763 -1.05 -19.84 15.08
N GLY A 764 -1.87 -18.79 14.97
CA GLY A 764 -2.81 -18.44 16.00
C GLY A 764 -2.13 -17.71 17.14
N PRO A 765 -2.85 -16.78 17.77
CA PRO A 765 -2.28 -16.05 18.90
C PRO A 765 -2.24 -16.90 20.17
N MET A 766 -1.21 -16.68 20.98
CA MET A 766 -1.10 -17.28 22.30
C MET A 766 -1.37 -16.20 23.35
N LYS A 767 -2.36 -16.44 24.21
CA LYS A 767 -2.69 -15.54 25.30
C LYS A 767 -2.65 -16.33 26.60
N PHE A 768 -1.60 -16.12 27.39
CA PHE A 768 -1.44 -16.78 28.68
C PHE A 768 -1.66 -15.74 29.77
N SER A 769 -2.81 -15.84 30.45
CA SER A 769 -3.21 -14.87 31.45
C SER A 769 -3.37 -15.58 32.79
N TYR A 770 -2.47 -15.30 33.72
CA TYR A 770 -2.56 -15.79 35.09
C TYR A 770 -2.95 -14.62 35.99
N ALA A 771 -4.11 -14.70 36.62
CA ALA A 771 -4.65 -13.60 37.40
C ALA A 771 -5.06 -14.08 38.78
N TYR A 772 -4.73 -13.28 39.79
CA TYR A 772 -5.13 -13.55 41.17
C TYR A 772 -6.46 -12.86 41.46
N PRO A 773 -7.44 -13.58 42.01
CA PRO A 773 -8.76 -12.97 42.23
C PRO A 773 -8.77 -11.96 43.37
N LEU A 774 -9.83 -11.16 43.44
CA LEU A 774 -10.04 -10.24 44.53
C LEU A 774 -11.53 -10.21 44.86
N LYS A 775 -11.83 -10.02 46.14
CA LYS A 775 -13.20 -10.06 46.66
C LYS A 775 -13.87 -11.38 46.26
N LYS A 776 -13.15 -12.48 46.52
CA LYS A 776 -13.61 -13.81 46.14
C LYS A 776 -14.73 -14.24 47.07
N LYS A 777 -15.96 -14.20 46.57
CA LYS A 777 -17.10 -14.70 47.31
C LYS A 777 -17.02 -16.23 47.41
N PRO A 778 -17.69 -16.82 48.41
CA PRO A 778 -17.62 -18.28 48.59
C PRO A 778 -18.43 -19.08 47.59
N GLU A 779 -18.91 -18.47 46.51
CA GLU A 779 -19.68 -19.20 45.50
C GLU A 779 -19.19 -19.00 44.07
N ASP A 780 -18.41 -17.96 43.79
CA ASP A 780 -17.89 -17.72 42.44
C ASP A 780 -16.77 -18.70 42.15
N GLU A 781 -17.00 -19.62 41.22
CA GLU A 781 -16.00 -20.61 40.87
C GLU A 781 -14.79 -19.93 40.23
N ILE A 782 -13.62 -20.13 40.83
CA ILE A 782 -12.42 -19.41 40.46
C ILE A 782 -11.58 -20.25 39.50
N GLN A 783 -10.83 -19.57 38.64
CA GLN A 783 -9.86 -20.21 37.75
C GLN A 783 -8.71 -19.21 37.56
N ARG A 784 -7.68 -19.35 38.38
CA ARG A 784 -6.60 -18.37 38.42
C ARG A 784 -5.71 -18.41 37.19
N PHE A 785 -5.77 -19.46 36.38
CA PHE A 785 -4.93 -19.61 35.21
C PHE A 785 -5.80 -19.79 33.98
N GLN A 786 -5.68 -18.88 33.02
CA GLN A 786 -6.46 -18.91 31.80
C GLN A 786 -5.54 -18.79 30.59
N PHE A 787 -5.81 -19.59 29.58
CA PHE A 787 -5.02 -19.61 28.35
C PHE A 787 -5.95 -19.68 27.14
N GLN A 788 -5.48 -19.13 26.03
CA GLN A 788 -6.21 -19.15 24.77
C GLN A 788 -5.28 -19.60 23.66
N LEU A 789 -5.81 -20.40 22.73
CA LEU A 789 -5.02 -20.96 21.65
C LEU A 789 -5.87 -21.03 20.40
N GLY A 790 -5.45 -20.31 19.35
CA GLY A 790 -6.09 -20.38 18.06
C GLY A 790 -7.00 -19.19 17.82
N THR A 791 -8.15 -19.45 17.18
CA THR A 791 -9.12 -18.43 16.83
C THR A 791 -10.38 -18.50 17.68
N THR A 792 -10.98 -19.70 17.79
CA THR A 792 -12.18 -19.99 18.56
C THR A 792 -13.26 -18.92 18.41
N PHE A 793 -13.37 -18.34 17.22
CA PHE A 793 -14.37 -17.32 16.95
C PHE A 793 -15.78 -17.90 17.00
N TYR B 36 -29.01 0.26 -33.53
CA TYR B 36 -27.85 -0.38 -32.92
C TYR B 36 -26.72 -0.52 -33.93
N GLN B 37 -25.89 0.51 -34.04
CA GLN B 37 -24.75 0.52 -34.96
C GLN B 37 -23.52 1.07 -34.25
N SER B 38 -23.25 0.56 -33.05
CA SER B 38 -22.06 0.96 -32.32
C SER B 38 -20.80 0.45 -33.03
N ARG B 39 -19.65 0.76 -32.43
CA ARG B 39 -18.38 0.37 -33.03
C ARG B 39 -18.25 -1.15 -33.11
N SER B 40 -17.77 -1.62 -34.26
CA SER B 40 -17.56 -3.04 -34.50
C SER B 40 -16.22 -3.24 -35.20
N HIS B 41 -15.18 -2.61 -34.65
CA HIS B 41 -13.84 -2.62 -35.23
C HIS B 41 -13.84 -2.02 -36.64
N ARG B 42 -14.26 -0.76 -36.70
CA ARG B 42 -14.33 0.00 -37.95
C ARG B 42 -13.26 1.09 -37.89
N LEU B 43 -12.13 0.85 -38.55
CA LEU B 43 -11.03 1.81 -38.58
C LEU B 43 -11.33 2.88 -39.61
N ILE B 44 -11.52 4.12 -39.15
CA ILE B 44 -11.83 5.25 -40.01
C ILE B 44 -11.04 6.46 -39.55
N LYS B 45 -10.30 7.06 -40.47
CA LYS B 45 -9.55 8.27 -40.16
C LYS B 45 -10.51 9.44 -40.01
N LEU B 46 -10.24 10.30 -39.03
CA LEU B 46 -11.12 11.42 -38.72
C LEU B 46 -11.10 12.44 -39.85
N GLU B 47 -12.16 12.48 -40.64
CA GLU B 47 -12.34 13.55 -41.61
C GLU B 47 -12.84 14.80 -40.87
N VAL B 48 -12.91 15.92 -41.59
CA VAL B 48 -13.26 17.18 -40.95
C VAL B 48 -13.76 18.19 -41.98
N PRO B 49 -14.80 18.96 -41.68
CA PRO B 49 -15.17 20.07 -42.56
C PRO B 49 -14.16 21.20 -42.44
N PRO B 50 -14.13 22.11 -43.42
CA PRO B 50 -13.19 23.23 -43.35
C PRO B 50 -13.51 24.16 -42.19
N ASP B 51 -12.55 25.03 -41.88
CA ASP B 51 -12.64 26.02 -40.80
C ASP B 51 -12.73 25.34 -39.43
N LEU B 52 -12.11 24.16 -39.30
CA LEU B 52 -12.15 23.40 -38.05
C LEU B 52 -10.79 22.95 -37.54
N ASN B 53 -9.71 23.13 -38.32
CA ASN B 53 -8.35 22.88 -37.84
C ASN B 53 -8.20 21.45 -37.32
N ASN B 54 -8.25 20.51 -38.29
CA ASN B 54 -8.27 19.06 -38.04
C ASN B 54 -7.31 18.64 -36.92
N PRO B 55 -7.78 17.84 -35.97
CA PRO B 55 -6.97 17.45 -34.81
C PRO B 55 -6.11 16.22 -35.06
N ASP B 56 -5.28 16.26 -36.09
CA ASP B 56 -4.46 15.11 -36.42
C ASP B 56 -3.36 14.91 -35.38
N GLN B 57 -2.43 15.87 -35.29
CA GLN B 57 -1.34 15.84 -34.32
C GLN B 57 -0.52 14.55 -34.40
N GLY B 58 -0.68 13.80 -35.49
CA GLY B 58 -0.04 12.51 -35.61
C GLY B 58 -0.67 11.46 -34.70
N ASN B 59 -0.59 10.20 -35.11
CA ASN B 59 -1.11 9.13 -34.27
C ASN B 59 0.00 8.51 -33.43
N LEU B 60 -0.39 8.01 -32.26
CA LEU B 60 0.54 7.40 -31.33
C LEU B 60 0.33 5.89 -31.30
N TYR B 61 1.37 5.16 -30.94
CA TYR B 61 1.37 3.70 -30.95
C TYR B 61 0.96 3.18 -32.33
N ARG B 62 1.84 3.46 -33.29
CA ARG B 62 1.60 3.18 -34.70
C ARG B 62 1.02 1.78 -34.91
N LEU B 63 -0.05 1.64 -35.69
CA LEU B 63 -0.58 0.26 -35.79
C LEU B 63 -0.29 -0.29 -37.18
N PRO B 64 0.90 -0.14 -37.77
CA PRO B 64 1.09 -0.65 -39.11
C PRO B 64 0.95 -2.15 -38.90
N ALA B 65 1.06 -2.59 -37.65
CA ALA B 65 1.08 -4.05 -37.46
C ALA B 65 2.01 -4.55 -38.56
N GLY B 66 3.09 -3.81 -38.79
CA GLY B 66 3.99 -4.17 -39.90
C GLY B 66 3.37 -3.80 -41.22
N SER B 67 2.15 -4.27 -41.48
CA SER B 67 1.52 -4.03 -42.81
C SER B 67 0.05 -3.66 -42.63
N GLY B 68 -0.84 -4.66 -42.68
CA GLY B 68 -2.24 -4.31 -42.60
C GLY B 68 -2.97 -4.85 -41.38
N ALA B 69 -2.23 -5.12 -40.30
CA ALA B 69 -2.80 -5.68 -39.08
C ALA B 69 -3.47 -7.03 -39.34
N VAL B 70 -2.64 -8.01 -39.73
CA VAL B 70 -3.09 -9.35 -39.98
C VAL B 70 -3.12 -10.13 -38.66
N ARG B 71 -3.79 -11.28 -38.67
CA ARG B 71 -3.94 -12.12 -37.49
C ARG B 71 -2.99 -13.32 -37.59
N ALA B 72 -3.08 -14.22 -36.62
CA ALA B 72 -2.21 -15.39 -36.55
C ALA B 72 -2.87 -16.44 -35.65
N SER B 73 -2.11 -17.46 -35.30
CA SER B 73 -2.58 -18.53 -34.43
C SER B 73 -1.47 -18.88 -33.46
N ASP B 74 -1.62 -20.03 -32.78
CA ASP B 74 -0.68 -20.45 -31.75
C ASP B 74 0.05 -21.72 -32.16
N LEU B 75 1.29 -21.86 -31.67
CA LEU B 75 2.08 -23.06 -31.89
C LEU B 75 2.88 -23.44 -30.65
N GLU B 76 2.68 -22.74 -29.53
CA GLU B 76 3.45 -22.94 -28.30
C GLU B 76 4.94 -22.70 -28.55
N LYS B 77 5.24 -21.49 -29.01
CA LYS B 77 6.61 -21.10 -29.33
C LYS B 77 7.20 -20.31 -28.17
N ARG B 78 7.58 -21.06 -27.12
CA ARG B 78 8.19 -20.48 -25.94
C ARG B 78 9.44 -21.25 -25.53
N ARG B 79 10.02 -22.00 -26.45
CA ARG B 79 11.21 -22.80 -26.16
C ARG B 79 11.90 -23.15 -27.46
N THR B 80 13.23 -23.21 -27.42
CA THR B 80 14.03 -23.56 -28.60
C THR B 80 15.00 -24.68 -28.22
N PRO B 81 14.84 -25.90 -28.72
CA PRO B 81 15.76 -26.98 -28.38
C PRO B 81 17.18 -26.72 -28.89
N ALA B 82 17.30 -26.47 -30.20
CA ALA B 82 18.58 -26.18 -30.84
C ALA B 82 19.65 -27.20 -30.49
N VAL B 83 19.29 -28.48 -30.53
CA VAL B 83 20.25 -29.53 -30.19
C VAL B 83 21.33 -29.63 -31.27
N GLN B 84 20.93 -29.67 -32.54
CA GLN B 84 21.88 -29.71 -33.64
C GLN B 84 21.50 -28.69 -34.70
N GLN B 85 20.22 -28.32 -34.76
CA GLN B 85 19.73 -27.37 -35.75
C GLN B 85 20.24 -25.97 -35.46
N ALA C 33 24.98 -26.35 -4.46
CA ALA C 33 25.82 -27.40 -5.01
C ALA C 33 25.95 -28.57 -4.03
N GLN C 34 25.38 -29.72 -4.40
CA GLN C 34 25.42 -30.90 -3.55
C GLN C 34 25.88 -32.16 -4.25
N ILE C 35 25.71 -32.29 -5.56
CA ILE C 35 26.16 -33.47 -6.28
C ILE C 35 27.49 -33.18 -6.99
N THR C 36 27.49 -32.18 -7.86
CA THR C 36 28.69 -31.76 -8.59
C THR C 36 29.40 -32.95 -9.23
N GLN C 37 28.64 -33.74 -9.99
CA GLN C 37 29.14 -34.97 -10.59
C GLN C 37 29.55 -34.72 -12.04
N ASP C 38 30.71 -35.26 -12.42
CA ASP C 38 31.17 -35.15 -13.78
C ASP C 38 30.26 -35.94 -14.72
N TRP C 39 29.95 -35.35 -15.86
CA TRP C 39 29.06 -35.96 -16.85
C TRP C 39 29.43 -35.41 -18.23
N SER C 40 28.58 -35.68 -19.21
CA SER C 40 28.72 -35.14 -20.56
C SER C 40 27.69 -34.04 -20.76
N VAL C 41 28.08 -33.01 -21.53
CA VAL C 41 27.22 -31.83 -21.69
C VAL C 41 25.87 -32.23 -22.28
N GLU C 42 25.84 -33.27 -23.11
CA GLU C 42 24.58 -33.72 -23.69
C GLU C 42 23.64 -34.25 -22.61
N LYS C 43 24.14 -35.07 -21.70
CA LYS C 43 23.27 -35.58 -20.65
C LYS C 43 22.95 -34.53 -19.61
N LEU C 44 23.83 -33.55 -19.41
CA LEU C 44 23.47 -32.39 -18.59
C LEU C 44 22.28 -31.65 -19.18
N TYR C 45 22.33 -31.38 -20.49
CA TYR C 45 21.22 -30.68 -21.14
C TYR C 45 19.95 -31.52 -21.09
N ALA C 46 20.07 -32.84 -21.27
CA ALA C 46 18.90 -33.70 -21.22
C ALA C 46 18.27 -33.71 -19.84
N GLU C 47 19.11 -33.85 -18.79
CA GLU C 47 18.60 -33.79 -17.42
C GLU C 47 17.97 -32.44 -17.13
N ALA C 48 18.58 -31.36 -17.61
CA ALA C 48 18.03 -30.03 -17.39
C ALA C 48 16.66 -29.87 -18.03
N GLN C 49 16.53 -30.28 -19.29
CA GLN C 49 15.26 -30.11 -19.98
C GLN C 49 14.18 -31.04 -19.43
N ASP C 50 14.56 -32.24 -18.97
CA ASP C 50 13.58 -33.14 -18.40
C ASP C 50 13.20 -32.73 -16.98
N GLU C 51 14.07 -32.01 -16.28
CA GLU C 51 13.68 -31.41 -15.01
C GLU C 51 12.75 -30.22 -15.25
N LEU C 52 13.02 -29.44 -16.30
CA LEU C 52 12.12 -28.36 -16.68
C LEU C 52 10.73 -28.90 -17.02
N ASN C 53 10.69 -30.03 -17.73
CA ASN C 53 9.41 -30.64 -18.07
C ASN C 53 8.64 -31.07 -16.84
N SER C 54 9.35 -31.42 -15.75
CA SER C 54 8.71 -31.85 -14.52
C SER C 54 8.38 -30.69 -13.59
N SER C 55 8.26 -29.48 -14.13
CA SER C 55 7.91 -28.28 -13.36
C SER C 55 8.91 -28.01 -12.24
N ASN C 56 10.19 -28.31 -12.48
CA ASN C 56 11.25 -28.01 -11.53
C ASN C 56 12.00 -26.77 -12.00
N TYR C 57 11.96 -25.72 -11.17
CA TYR C 57 12.58 -24.45 -11.52
C TYR C 57 13.67 -24.04 -10.53
N THR C 58 13.41 -24.18 -9.23
CA THR C 58 14.40 -23.76 -8.23
C THR C 58 15.68 -24.58 -8.35
N ARG C 59 15.55 -25.90 -8.48
CA ARG C 59 16.73 -26.74 -8.66
C ARG C 59 17.27 -26.67 -10.08
N ALA C 60 16.43 -26.34 -11.05
CA ALA C 60 16.87 -26.29 -12.44
C ALA C 60 17.89 -25.18 -12.65
N VAL C 61 17.57 -23.96 -12.20
CA VAL C 61 18.45 -22.82 -12.42
C VAL C 61 19.81 -23.06 -11.76
N LYS C 62 19.82 -23.76 -10.63
CA LYS C 62 21.09 -24.08 -9.97
C LYS C 62 21.85 -25.18 -10.70
N LEU C 63 21.17 -25.97 -11.53
CA LEU C 63 21.83 -26.95 -12.38
C LEU C 63 21.98 -26.46 -13.82
N TYR C 64 21.72 -25.18 -14.08
CA TYR C 64 21.89 -24.59 -15.41
C TYR C 64 23.26 -23.94 -15.55
N GLU C 65 23.66 -23.13 -14.58
CA GLU C 65 24.93 -22.42 -14.67
C GLU C 65 26.12 -23.32 -14.47
N ILE C 66 25.93 -24.52 -13.92
CA ILE C 66 27.06 -25.40 -13.62
C ILE C 66 27.73 -25.85 -14.92
N LEU C 67 26.95 -26.12 -15.96
CA LEU C 67 27.53 -26.60 -17.20
C LEU C 67 28.32 -25.51 -17.91
N GLU C 68 27.83 -24.26 -17.86
CA GLU C 68 28.56 -23.19 -18.51
C GLU C 68 29.76 -22.76 -17.67
N SER C 69 29.71 -22.96 -16.35
CA SER C 69 30.88 -22.71 -15.53
C SER C 69 31.96 -23.74 -15.79
N ARG C 70 31.55 -25.01 -15.94
CA ARG C 70 32.52 -26.05 -16.26
C ARG C 70 32.92 -26.02 -17.72
N PHE C 71 31.98 -25.69 -18.61
CA PHE C 71 32.24 -25.68 -20.06
C PHE C 71 31.68 -24.40 -20.65
N PRO C 72 32.44 -23.31 -20.58
CA PRO C 72 31.96 -22.05 -21.19
C PRO C 72 31.91 -22.11 -22.70
N THR C 73 32.91 -22.70 -23.34
CA THR C 73 32.97 -22.79 -24.80
C THR C 73 32.07 -23.93 -25.24
N SER C 74 30.79 -23.63 -25.41
CA SER C 74 29.81 -24.63 -25.84
C SER C 74 28.51 -23.93 -26.21
N ARG C 75 27.81 -24.47 -27.21
CA ARG C 75 26.49 -23.97 -27.55
C ARG C 75 25.49 -24.26 -26.43
N HIS C 76 25.74 -25.32 -25.66
CA HIS C 76 24.88 -25.63 -24.52
C HIS C 76 24.92 -24.53 -23.48
N ALA C 77 26.02 -23.77 -23.40
CA ALA C 77 26.06 -22.62 -22.51
C ALA C 77 25.03 -21.58 -22.89
N ARG C 78 24.93 -21.28 -24.20
CA ARG C 78 23.93 -20.31 -24.65
C ARG C 78 22.53 -20.87 -24.50
N GLN C 79 22.34 -22.17 -24.79
CA GLN C 79 21.04 -22.78 -24.58
C GLN C 79 20.63 -22.70 -23.12
N SER C 80 21.58 -22.84 -22.20
CA SER C 80 21.30 -22.67 -20.78
C SER C 80 20.93 -21.23 -20.47
N GLN C 81 21.70 -20.28 -21.01
CA GLN C 81 21.40 -18.87 -20.80
C GLN C 81 20.00 -18.51 -21.26
N LEU C 82 19.50 -19.22 -22.28
CA LEU C 82 18.14 -18.96 -22.75
C LEU C 82 17.09 -19.67 -21.88
N ASP C 83 17.28 -20.96 -21.61
CA ASP C 83 16.23 -21.67 -20.91
C ASP C 83 16.14 -21.30 -19.44
N THR C 84 17.19 -20.71 -18.85
CA THR C 84 17.05 -20.23 -17.48
C THR C 84 16.12 -19.01 -17.43
N ALA C 85 16.24 -18.11 -18.42
CA ALA C 85 15.29 -17.01 -18.52
C ALA C 85 13.90 -17.53 -18.83
N TYR C 86 13.80 -18.58 -19.66
CA TYR C 86 12.50 -19.19 -19.92
C TYR C 86 11.87 -19.72 -18.63
N ALA C 87 12.66 -20.42 -17.82
CA ALA C 87 12.13 -20.97 -16.57
C ALA C 87 11.76 -19.86 -15.60
N TYR C 88 12.56 -18.79 -15.55
CA TYR C 88 12.20 -17.64 -14.72
C TYR C 88 10.88 -17.03 -15.19
N TYR C 89 10.66 -17.01 -16.50
CA TYR C 89 9.38 -16.54 -17.02
C TYR C 89 8.25 -17.48 -16.61
N LYS C 90 8.51 -18.78 -16.57
CA LYS C 90 7.49 -19.75 -16.17
C LYS C 90 7.01 -19.53 -14.75
N ASP C 91 7.78 -18.81 -13.93
CA ASP C 91 7.39 -18.50 -12.56
C ASP C 91 6.89 -17.05 -12.48
N ASP C 92 6.51 -16.65 -11.27
CA ASP C 92 5.90 -15.34 -11.08
C ASP C 92 6.93 -14.22 -11.13
N GLU C 93 8.16 -14.48 -10.69
CA GLU C 93 9.17 -13.42 -10.67
C GLU C 93 9.54 -13.03 -12.10
N LYS C 94 9.78 -11.73 -12.30
CA LYS C 94 10.13 -11.20 -13.61
C LYS C 94 11.40 -10.38 -13.61
N ASP C 95 11.80 -9.81 -12.47
CA ASP C 95 13.02 -9.00 -12.43
C ASP C 95 14.23 -9.83 -12.79
N LYS C 96 14.34 -11.04 -12.24
CA LYS C 96 15.44 -11.93 -12.60
C LYS C 96 15.34 -12.34 -14.06
N ALA C 97 14.13 -12.50 -14.57
CA ALA C 97 13.96 -12.83 -15.99
C ALA C 97 14.45 -11.69 -16.87
N LEU C 98 14.10 -10.45 -16.52
CA LEU C 98 14.61 -9.30 -17.27
C LEU C 98 16.13 -9.21 -17.18
N ALA C 99 16.69 -9.46 -15.99
CA ALA C 99 18.13 -9.43 -15.84
C ALA C 99 18.81 -10.46 -16.73
N ALA C 100 18.28 -11.68 -16.75
CA ALA C 100 18.88 -12.73 -17.57
C ALA C 100 18.73 -12.42 -19.06
N ILE C 101 17.57 -11.90 -19.48
CA ILE C 101 17.37 -11.65 -20.90
C ILE C 101 18.24 -10.48 -21.35
N GLU C 102 18.47 -9.50 -20.47
CA GLU C 102 19.37 -8.41 -20.82
C GLU C 102 20.81 -8.88 -20.84
N ARG C 103 21.16 -9.80 -19.93
CA ARG C 103 22.48 -10.42 -19.96
C ARG C 103 22.72 -11.11 -21.30
N PHE C 104 21.73 -11.87 -21.77
CA PHE C 104 21.89 -12.53 -23.06
C PHE C 104 21.97 -11.53 -24.20
N ARG C 105 21.12 -10.49 -24.15
CA ARG C 105 21.14 -9.47 -25.19
C ARG C 105 22.50 -8.83 -25.32
N ARG C 106 23.10 -8.46 -24.18
CA ARG C 106 24.41 -7.82 -24.19
C ARG C 106 25.55 -8.81 -24.43
N LEU C 107 25.32 -10.10 -24.21
CA LEU C 107 26.41 -11.08 -24.26
C LEU C 107 26.63 -11.59 -25.68
N HIS C 108 25.58 -12.12 -26.32
CA HIS C 108 25.64 -12.60 -27.69
C HIS C 108 24.71 -11.77 -28.57
N PRO C 109 25.19 -10.63 -29.07
CA PRO C 109 24.34 -9.77 -29.90
C PRO C 109 24.18 -10.25 -31.34
N GLN C 110 24.83 -11.35 -31.73
CA GLN C 110 24.75 -11.83 -33.10
C GLN C 110 24.37 -13.30 -33.22
N HIS C 111 23.94 -13.94 -32.14
CA HIS C 111 23.53 -15.33 -32.23
C HIS C 111 22.25 -15.45 -33.06
N PRO C 112 22.12 -16.50 -33.87
CA PRO C 112 20.91 -16.64 -34.70
C PRO C 112 19.63 -16.78 -33.89
N ASN C 113 19.70 -17.12 -32.61
CA ASN C 113 18.53 -17.25 -31.75
C ASN C 113 18.17 -15.95 -31.06
N MET C 114 18.55 -14.81 -31.62
CA MET C 114 18.22 -13.52 -31.02
C MET C 114 16.70 -13.27 -31.03
N ASP C 115 15.99 -13.86 -31.99
CA ASP C 115 14.55 -13.68 -32.07
C ASP C 115 13.86 -14.18 -30.81
N TYR C 116 14.31 -15.32 -30.29
CA TYR C 116 13.72 -15.87 -29.07
C TYR C 116 13.89 -14.91 -27.90
N ALA C 117 15.01 -14.19 -27.86
CA ALA C 117 15.27 -13.27 -26.75
C ALA C 117 14.24 -12.16 -26.72
N LEU C 118 14.01 -11.50 -27.85
CA LEU C 118 13.07 -10.38 -27.89
C LEU C 118 11.65 -10.84 -27.60
N TYR C 119 11.26 -12.00 -28.13
CA TYR C 119 9.92 -12.52 -27.90
C TYR C 119 9.73 -12.88 -26.42
N LEU C 120 10.73 -13.52 -25.81
CA LEU C 120 10.63 -13.86 -24.40
C LEU C 120 10.56 -12.61 -23.54
N ARG C 121 11.38 -11.60 -23.87
CA ARG C 121 11.32 -10.33 -23.14
C ARG C 121 9.95 -9.69 -23.27
N GLY C 122 9.37 -9.74 -24.47
CA GLY C 122 8.05 -9.16 -24.66
C GLY C 122 6.98 -9.87 -23.83
N LEU C 123 7.03 -11.21 -23.81
CA LEU C 123 6.04 -11.95 -23.04
C LEU C 123 6.20 -11.72 -21.54
N VAL C 124 7.45 -11.65 -21.06
CA VAL C 124 7.67 -11.41 -19.63
C VAL C 124 7.20 -10.02 -19.26
N LEU C 125 7.60 -9.01 -20.03
CA LEU C 125 7.25 -7.63 -19.73
C LEU C 125 5.77 -7.36 -19.98
N PHE C 126 5.08 -8.24 -20.71
CA PHE C 126 3.65 -8.09 -20.93
C PHE C 126 2.84 -8.44 -19.67
N ASN C 127 3.45 -9.14 -18.71
CA ASN C 127 2.76 -9.63 -17.52
C ASN C 127 1.59 -10.53 -17.91
N GLU C 128 1.94 -11.65 -18.52
CA GLU C 128 0.94 -12.63 -18.96
C GLU C 128 0.03 -13.07 -17.82
N ASP C 129 0.57 -13.16 -16.60
CA ASP C 129 -0.18 -13.60 -15.42
C ASP C 129 -0.78 -14.99 -15.65
N GLN C 130 0.05 -15.93 -16.09
CA GLN C 130 -0.42 -17.28 -16.40
C GLN C 130 -0.79 -18.02 -15.13
N SER C 131 -2.09 -18.14 -14.87
CA SER C 131 -2.58 -18.85 -13.69
C SER C 131 -4.03 -19.25 -13.94
N PHE C 132 -4.34 -20.53 -13.74
CA PHE C 132 -5.70 -21.02 -13.94
C PHE C 132 -6.66 -20.53 -12.86
N LEU C 133 -6.15 -19.96 -11.77
CA LEU C 133 -7.02 -19.46 -10.70
C LEU C 133 -7.81 -18.24 -11.15
N ASN C 134 -7.29 -17.49 -12.12
CA ASN C 134 -7.92 -16.28 -12.64
C ASN C 134 -7.90 -16.30 -14.16
N LYS C 135 -8.35 -17.40 -14.75
CA LYS C 135 -8.34 -17.59 -16.18
C LYS C 135 -9.08 -16.45 -16.89
N LEU C 136 -10.39 -16.35 -16.67
CA LEU C 136 -11.20 -15.26 -17.20
C LEU C 136 -10.97 -15.08 -18.70
N ALA C 137 -11.40 -16.09 -19.45
CA ALA C 137 -11.12 -16.22 -20.88
C ALA C 137 -11.39 -14.95 -21.68
N SER C 138 -12.33 -14.11 -21.23
CA SER C 138 -12.60 -12.86 -21.91
C SER C 138 -11.37 -11.97 -21.92
N GLN C 139 -10.95 -11.54 -20.72
CA GLN C 139 -9.73 -10.76 -20.53
C GLN C 139 -9.60 -9.61 -21.53
N ASP C 140 -10.49 -8.62 -21.41
CA ASP C 140 -10.53 -7.47 -22.31
C ASP C 140 -9.20 -6.73 -22.36
N TRP C 141 -8.32 -7.00 -21.40
CA TRP C 141 -6.97 -6.45 -21.31
C TRP C 141 -6.97 -4.95 -21.02
N SER C 142 -8.10 -4.40 -20.60
CA SER C 142 -8.21 -2.99 -20.25
C SER C 142 -8.05 -2.75 -18.76
N ASP C 143 -7.33 -3.62 -18.05
CA ASP C 143 -7.28 -3.53 -16.60
C ASP C 143 -5.86 -3.63 -16.04
N ARG C 144 -4.94 -4.20 -16.81
CA ARG C 144 -3.61 -4.50 -16.25
C ARG C 144 -2.89 -3.23 -15.83
N ASP C 145 -2.47 -2.42 -16.79
CA ASP C 145 -1.85 -1.12 -16.55
C ASP C 145 -1.49 -0.49 -17.90
N PRO C 146 -1.21 0.82 -17.93
CA PRO C 146 -0.61 1.39 -19.14
C PRO C 146 0.88 1.14 -19.24
N LYS C 147 1.57 0.97 -18.11
CA LYS C 147 3.03 0.88 -18.11
C LYS C 147 3.51 -0.40 -18.78
N ALA C 148 3.11 -1.56 -18.25
CA ALA C 148 3.57 -2.83 -18.81
C ALA C 148 3.07 -3.01 -20.23
N ASN C 149 1.85 -2.58 -20.52
CA ASN C 149 1.32 -2.67 -21.87
C ASN C 149 2.14 -1.85 -22.85
N ARG C 150 2.48 -0.61 -22.46
CA ARG C 150 3.28 0.25 -23.33
C ARG C 150 4.67 -0.34 -23.56
N GLU C 151 5.29 -0.85 -22.49
CA GLU C 151 6.62 -1.43 -22.65
C GLU C 151 6.60 -2.70 -23.48
N ALA C 152 5.55 -3.53 -23.35
CA ALA C 152 5.43 -4.72 -24.19
C ALA C 152 5.21 -4.34 -25.64
N TYR C 153 4.40 -3.31 -25.89
CA TYR C 153 4.22 -2.84 -27.26
C TYR C 153 5.55 -2.36 -27.84
N GLN C 154 6.33 -1.63 -27.05
CA GLN C 154 7.63 -1.18 -27.53
C GLN C 154 8.56 -2.35 -27.84
N ALA C 155 8.56 -3.36 -26.97
CA ALA C 155 9.40 -4.53 -27.19
C ALA C 155 9.00 -5.26 -28.47
N PHE C 156 7.70 -5.45 -28.68
CA PHE C 156 7.25 -6.15 -29.88
C PHE C 156 7.50 -5.31 -31.14
N ALA C 157 7.43 -3.99 -31.02
CA ALA C 157 7.78 -3.13 -32.15
C ALA C 157 9.25 -3.28 -32.50
N GLU C 158 10.12 -3.28 -31.48
CA GLU C 158 11.54 -3.52 -31.74
C GLU C 158 11.76 -4.89 -32.38
N LEU C 159 11.00 -5.90 -31.94
CA LEU C 159 11.12 -7.23 -32.53
C LEU C 159 10.75 -7.22 -34.00
N VAL C 160 9.58 -6.68 -34.33
CA VAL C 160 9.12 -6.71 -35.73
C VAL C 160 10.00 -5.82 -36.60
N GLN C 161 10.61 -4.78 -36.02
CA GLN C 161 11.52 -3.97 -36.80
C GLN C 161 12.86 -4.66 -37.02
N ARG C 162 13.31 -5.46 -36.06
CA ARG C 162 14.59 -6.15 -36.21
C ARG C 162 14.47 -7.33 -37.18
N PHE C 163 13.50 -8.22 -36.95
CA PHE C 163 13.30 -9.41 -37.77
C PHE C 163 11.92 -9.34 -38.42
N PRO C 164 11.82 -8.68 -39.58
CA PRO C 164 10.52 -8.60 -40.26
C PRO C 164 10.03 -9.92 -40.81
N ASN C 165 10.90 -10.93 -40.90
CA ASN C 165 10.52 -12.23 -41.47
C ASN C 165 11.28 -13.33 -40.69
N SER C 166 10.63 -13.85 -39.66
CA SER C 166 11.20 -14.90 -38.82
C SER C 166 10.20 -16.05 -38.71
N LYS C 167 10.51 -16.98 -37.80
CA LYS C 167 9.62 -18.12 -37.56
C LYS C 167 8.29 -17.69 -36.95
N TYR C 168 8.20 -16.47 -36.42
CA TYR C 168 6.96 -15.99 -35.80
C TYR C 168 6.98 -14.47 -35.85
N ALA C 169 6.18 -13.89 -36.74
CA ALA C 169 6.05 -12.45 -36.84
C ALA C 169 4.58 -12.05 -36.81
N ALA C 170 3.74 -12.87 -37.43
CA ALA C 170 2.30 -12.57 -37.44
C ALA C 170 1.73 -12.61 -36.03
N ASP C 171 2.22 -13.51 -35.19
CA ASP C 171 1.81 -13.51 -33.79
C ASP C 171 2.23 -12.22 -33.09
N ALA C 172 3.42 -11.71 -33.42
CA ALA C 172 3.87 -10.45 -32.86
C ALA C 172 2.96 -9.30 -33.28
N THR C 173 2.58 -9.26 -34.55
CA THR C 173 1.68 -8.20 -35.02
C THR C 173 0.30 -8.33 -34.37
N ALA C 174 -0.18 -9.56 -34.19
CA ALA C 174 -1.47 -9.76 -33.55
C ALA C 174 -1.44 -9.27 -32.11
N ARG C 175 -0.41 -9.64 -31.37
CA ARG C 175 -0.30 -9.16 -30.00
C ARG C 175 -0.11 -7.65 -29.96
N MET C 176 0.56 -7.07 -30.96
CA MET C 176 0.75 -5.63 -30.99
C MET C 176 -0.57 -4.90 -31.20
N VAL C 177 -1.39 -5.35 -32.14
CA VAL C 177 -2.68 -4.71 -32.36
C VAL C 177 -3.60 -4.93 -31.16
N LYS C 178 -3.50 -6.10 -30.53
CA LYS C 178 -4.29 -6.32 -29.31
C LYS C 178 -3.87 -5.38 -28.20
N LEU C 179 -2.56 -5.11 -28.08
CA LEU C 179 -2.08 -4.23 -27.03
C LEU C 179 -2.48 -2.78 -27.29
N VAL C 180 -2.45 -2.35 -28.56
CA VAL C 180 -2.87 -0.98 -28.84
C VAL C 180 -4.38 -0.84 -28.62
N ASP C 181 -5.14 -1.89 -28.93
CA ASP C 181 -6.57 -1.86 -28.62
C ASP C 181 -6.80 -1.81 -27.12
N ALA C 182 -5.97 -2.52 -26.35
CA ALA C 182 -6.10 -2.49 -24.89
C ALA C 182 -5.76 -1.11 -24.33
N LEU C 183 -4.76 -0.44 -24.90
CA LEU C 183 -4.44 0.92 -24.48
C LEU C 183 -5.60 1.86 -24.78
N GLY C 184 -6.18 1.75 -25.98
CA GLY C 184 -7.36 2.54 -26.29
C GLY C 184 -8.51 2.25 -25.33
N GLY C 185 -8.69 0.99 -24.96
CA GLY C 185 -9.74 0.64 -24.03
C GLY C 185 -9.50 1.22 -22.64
N ASN C 186 -8.24 1.22 -22.21
CA ASN C 186 -7.91 1.82 -20.91
C ASN C 186 -8.21 3.32 -20.92
N GLU C 187 -7.81 4.01 -21.99
CA GLU C 187 -8.11 5.43 -22.09
C GLU C 187 -9.62 5.68 -22.09
N MET C 188 -10.37 4.86 -22.83
CA MET C 188 -11.81 5.02 -22.87
C MET C 188 -12.45 4.74 -21.52
N SER C 189 -11.92 3.77 -20.76
CA SER C 189 -12.48 3.46 -19.45
C SER C 189 -12.23 4.61 -18.48
N VAL C 190 -11.01 5.16 -18.50
CA VAL C 190 -10.71 6.31 -17.64
C VAL C 190 -11.61 7.48 -18.00
N ALA C 191 -11.83 7.70 -19.30
CA ALA C 191 -12.75 8.75 -19.72
C ALA C 191 -14.17 8.50 -19.25
N ARG C 192 -14.61 7.23 -19.28
CA ARG C 192 -15.98 6.90 -18.93
C ARG C 192 -16.22 7.07 -17.44
N TYR C 193 -15.24 6.71 -16.61
CA TYR C 193 -15.44 6.79 -15.17
C TYR C 193 -15.72 8.22 -14.72
N TYR C 194 -15.06 9.20 -15.33
CA TYR C 194 -15.26 10.59 -14.90
C TYR C 194 -16.65 11.09 -15.26
N MET C 195 -17.22 10.59 -16.36
CA MET C 195 -18.55 11.03 -16.76
C MET C 195 -19.64 10.58 -15.80
N LYS C 196 -19.38 9.55 -14.99
CA LYS C 196 -20.33 9.09 -13.99
C LYS C 196 -20.19 9.83 -12.67
N ARG C 197 -19.33 10.84 -12.59
CA ARG C 197 -19.12 11.59 -11.36
C ARG C 197 -19.48 13.06 -11.47
N GLY C 198 -19.57 13.61 -12.69
CA GLY C 198 -19.89 15.01 -12.89
C GLY C 198 -18.71 15.85 -13.37
N ALA C 199 -17.49 15.35 -13.23
CA ALA C 199 -16.31 16.11 -13.64
C ALA C 199 -16.21 16.12 -15.17
N TYR C 200 -17.15 16.79 -15.82
CA TYR C 200 -17.14 16.85 -17.28
C TYR C 200 -15.91 17.57 -17.80
N ILE C 201 -15.36 18.50 -17.00
CA ILE C 201 -14.16 19.24 -17.37
C ILE C 201 -12.96 18.32 -17.58
N ALA C 202 -12.99 17.11 -17.03
CA ALA C 202 -11.93 16.13 -17.22
C ALA C 202 -12.24 15.13 -18.33
N ALA C 203 -13.50 14.69 -18.42
CA ALA C 203 -13.90 13.85 -19.53
C ALA C 203 -13.67 14.55 -20.86
N ALA C 204 -13.86 15.88 -20.90
CA ALA C 204 -13.60 16.62 -22.11
C ALA C 204 -12.14 16.50 -22.54
N ASN C 205 -11.22 16.75 -21.60
CA ASN C 205 -9.80 16.66 -21.93
C ASN C 205 -9.40 15.25 -22.32
N ARG C 206 -9.89 14.25 -21.59
CA ARG C 206 -9.51 12.87 -21.90
C ARG C 206 -10.06 12.43 -23.26
N ALA C 207 -11.30 12.80 -23.57
CA ALA C 207 -11.85 12.49 -24.88
C ALA C 207 -11.12 13.24 -25.99
N LYS C 208 -10.69 14.47 -25.72
CA LYS C 208 -9.89 15.20 -26.72
C LYS C 208 -8.56 14.48 -26.98
N LYS C 209 -7.93 13.98 -25.92
CA LYS C 209 -6.70 13.21 -26.09
C LYS C 209 -6.94 11.96 -26.92
N ILE C 210 -8.03 11.24 -26.61
CA ILE C 210 -8.34 10.02 -27.36
C ILE C 210 -8.61 10.34 -28.83
N ILE C 211 -9.32 11.44 -29.09
CA ILE C 211 -9.66 11.81 -30.45
C ILE C 211 -8.41 12.21 -31.23
N GLY C 212 -7.53 12.98 -30.60
CA GLY C 212 -6.37 13.52 -31.31
C GLY C 212 -5.14 12.65 -31.35
N SER C 213 -5.07 11.59 -30.54
CA SER C 213 -3.86 10.78 -30.52
C SER C 213 -4.11 9.28 -30.46
N TYR C 214 -5.35 8.82 -30.62
CA TYR C 214 -5.67 7.40 -30.49
C TYR C 214 -6.55 6.93 -31.64
N GLN C 215 -6.18 7.28 -32.88
CA GLN C 215 -6.84 6.72 -34.03
C GLN C 215 -6.46 5.24 -34.18
N ASN C 216 -6.96 4.62 -35.26
CA ASN C 216 -6.71 3.23 -35.59
C ASN C 216 -7.37 2.28 -34.58
N THR C 217 -7.98 2.84 -33.54
CA THR C 217 -8.67 2.06 -32.52
C THR C 217 -10.16 2.01 -32.84
N ARG C 218 -10.95 1.50 -31.90
CA ARG C 218 -12.39 1.42 -32.06
C ARG C 218 -13.15 2.50 -31.30
N TYR C 219 -12.48 3.22 -30.40
CA TYR C 219 -13.11 4.23 -29.57
C TYR C 219 -13.01 5.63 -30.17
N VAL C 220 -13.53 5.79 -31.38
CA VAL C 220 -13.49 7.09 -32.05
C VAL C 220 -14.89 7.68 -32.08
N GLU C 221 -15.85 6.94 -32.61
CA GLU C 221 -17.22 7.43 -32.72
C GLU C 221 -17.96 7.46 -31.38
N GLU C 222 -17.29 7.14 -30.28
CA GLU C 222 -17.84 7.31 -28.94
C GLU C 222 -17.19 8.45 -28.19
N SER C 223 -15.90 8.70 -28.42
CA SER C 223 -15.23 9.83 -27.80
C SER C 223 -15.85 11.14 -28.25
N LEU C 224 -16.22 11.24 -29.53
CA LEU C 224 -16.89 12.43 -30.02
C LEU C 224 -18.22 12.65 -29.30
N ALA C 225 -18.97 11.58 -29.07
CA ALA C 225 -20.26 11.71 -28.40
C ALA C 225 -20.09 12.13 -26.95
N ILE C 226 -19.13 11.53 -26.25
CA ILE C 226 -18.94 11.92 -24.84
C ILE C 226 -18.37 13.33 -24.75
N LEU C 227 -17.57 13.76 -25.72
CA LEU C 227 -17.10 15.14 -25.74
C LEU C 227 -18.25 16.10 -25.98
N GLU C 228 -19.17 15.74 -26.89
CA GLU C 228 -20.35 16.56 -27.11
C GLU C 228 -21.18 16.69 -25.85
N LEU C 229 -21.37 15.57 -25.14
CA LEU C 229 -22.15 15.61 -23.91
C LEU C 229 -21.46 16.46 -22.85
N ALA C 230 -20.15 16.35 -22.73
CA ALA C 230 -19.42 17.16 -21.76
C ALA C 230 -19.51 18.64 -22.09
N TYR C 231 -19.38 18.99 -23.36
CA TYR C 231 -19.47 20.39 -23.77
C TYR C 231 -20.88 20.93 -23.52
N LYS C 232 -21.90 20.12 -23.81
CA LYS C 232 -23.27 20.56 -23.59
C LYS C 232 -23.57 20.72 -22.11
N LYS C 233 -22.98 19.87 -21.27
CA LYS C 233 -23.23 19.94 -19.83
C LYS C 233 -22.52 21.11 -19.16
N LEU C 234 -21.76 21.91 -19.90
CA LEU C 234 -21.08 23.08 -19.35
C LEU C 234 -21.53 24.38 -19.98
N ASP C 235 -22.68 24.39 -20.65
CA ASP C 235 -23.25 25.58 -21.28
C ASP C 235 -22.27 26.19 -22.29
N LYS C 236 -21.94 25.40 -23.31
CA LYS C 236 -21.11 25.83 -24.43
C LYS C 236 -21.76 25.32 -25.71
N PRO C 237 -22.78 26.02 -26.20
CA PRO C 237 -23.56 25.48 -27.33
C PRO C 237 -22.77 25.40 -28.63
N GLN C 238 -21.90 26.37 -28.91
CA GLN C 238 -21.15 26.34 -30.15
C GLN C 238 -20.23 25.14 -30.21
N LEU C 239 -19.55 24.83 -29.11
CA LEU C 239 -18.65 23.67 -29.08
C LEU C 239 -19.42 22.39 -29.34
N ALA C 240 -20.56 22.22 -28.66
CA ALA C 240 -21.36 21.01 -28.85
C ALA C 240 -21.86 20.90 -30.28
N ALA C 241 -22.34 22.01 -30.85
CA ALA C 241 -22.81 21.98 -32.23
C ALA C 241 -21.69 21.60 -33.18
N ASP C 242 -20.49 22.16 -32.98
CA ASP C 242 -19.38 21.88 -33.88
C ASP C 242 -18.94 20.42 -33.78
N THR C 243 -18.83 19.89 -32.56
CA THR C 243 -18.39 18.51 -32.42
C THR C 243 -19.46 17.54 -32.92
N ARG C 244 -20.75 17.90 -32.76
CA ARG C 244 -21.80 17.06 -33.30
C ARG C 244 -21.81 17.09 -34.83
N ARG C 245 -21.50 18.25 -35.41
CA ARG C 245 -21.38 18.33 -36.86
C ARG C 245 -20.23 17.46 -37.35
N VAL C 246 -19.09 17.50 -36.65
CA VAL C 246 -17.96 16.64 -37.00
C VAL C 246 -18.36 15.17 -36.90
N LEU C 247 -19.10 14.81 -35.84
CA LEU C 247 -19.52 13.43 -35.67
C LEU C 247 -20.44 13.00 -36.80
N GLU C 248 -21.39 13.85 -37.19
CA GLU C 248 -22.36 13.45 -38.20
C GLU C 248 -21.73 13.42 -39.60
N THR C 249 -20.71 14.25 -39.85
CA THR C 249 -20.05 14.17 -41.14
C THR C 249 -19.00 13.08 -41.20
N ASN C 250 -18.55 12.58 -40.05
CA ASN C 250 -17.62 11.45 -40.01
C ASN C 250 -18.32 10.13 -39.79
N PHE C 251 -19.57 10.14 -39.31
CA PHE C 251 -20.35 8.91 -39.10
C PHE C 251 -21.80 9.22 -39.39
N PRO C 252 -22.25 8.98 -40.62
CA PRO C 252 -23.64 9.34 -40.98
C PRO C 252 -24.69 8.51 -40.30
N LYS C 253 -24.35 7.32 -39.80
CA LYS C 253 -25.31 6.43 -39.16
C LYS C 253 -24.71 5.94 -37.85
N SER C 254 -25.11 6.57 -36.74
CA SER C 254 -24.63 6.20 -35.42
C SER C 254 -25.74 6.47 -34.41
N PRO C 255 -25.94 5.57 -33.44
CA PRO C 255 -27.00 5.80 -32.44
C PRO C 255 -26.78 7.03 -31.59
N PHE C 256 -25.55 7.55 -31.54
CA PHE C 256 -25.26 8.70 -30.70
C PHE C 256 -25.87 9.99 -31.24
N LEU C 257 -26.37 10.00 -32.47
CA LEU C 257 -27.01 11.20 -33.00
C LEU C 257 -28.40 11.40 -32.42
N THR C 258 -29.23 10.35 -32.44
CA THR C 258 -30.58 10.45 -31.89
C THR C 258 -30.55 10.35 -30.37
N HIS C 259 -30.07 9.23 -29.84
CA HIS C 259 -29.98 9.03 -28.40
C HIS C 259 -28.69 9.66 -27.88
N ALA C 260 -28.81 10.53 -26.89
CA ALA C 260 -27.64 11.08 -26.24
C ALA C 260 -26.87 9.98 -25.52
N TRP C 261 -25.60 10.26 -25.25
CA TRP C 261 -24.74 9.26 -24.61
C TRP C 261 -25.27 8.90 -23.23
N GLN C 262 -25.03 7.66 -22.82
CA GLN C 262 -25.49 7.15 -21.54
C GLN C 262 -24.51 6.11 -21.03
N PRO C 263 -23.95 6.29 -19.84
CA PRO C 263 -22.98 5.31 -19.32
C PRO C 263 -23.65 3.98 -19.03
N ASP C 264 -23.07 2.91 -19.57
CA ASP C 264 -23.61 1.58 -19.38
C ASP C 264 -23.18 1.03 -18.01
N ASP C 265 -23.63 -0.19 -17.71
CA ASP C 265 -23.35 -0.85 -16.44
C ASP C 265 -23.80 0.00 -15.25
N ARG D 27 -29.08 0.31 -8.51
CA ARG D 27 -28.51 1.66 -8.57
C ARG D 27 -29.62 2.70 -8.72
N VAL D 28 -30.79 2.26 -9.16
CA VAL D 28 -31.90 3.18 -9.35
C VAL D 28 -32.48 3.59 -7.99
N SER D 29 -33.08 4.78 -7.96
CA SER D 29 -33.70 5.34 -6.75
C SER D 29 -32.67 5.47 -5.63
N LEU D 30 -31.69 6.35 -5.88
CA LEU D 30 -30.62 6.59 -4.93
C LEU D 30 -31.17 6.98 -3.56
N PHE D 31 -30.40 6.69 -2.53
CA PHE D 31 -30.76 6.93 -1.15
C PHE D 31 -30.16 8.23 -0.66
N PRO D 32 -30.75 8.87 0.35
CA PRO D 32 -30.24 10.13 0.89
C PRO D 32 -28.96 9.98 1.71
N SER D 33 -27.96 9.32 1.14
CA SER D 33 -26.66 9.18 1.77
C SER D 33 -25.89 10.48 1.66
N TYR D 34 -26.09 11.40 2.62
CA TYR D 34 -25.56 12.75 2.52
C TYR D 34 -24.05 12.72 2.79
N LYS D 35 -23.32 12.19 1.80
CA LYS D 35 -21.86 12.28 1.79
C LYS D 35 -21.42 12.15 0.35
N LEU D 36 -21.10 13.27 -0.28
CA LEU D 36 -20.75 13.29 -1.70
C LEU D 36 -19.51 14.16 -1.88
N LYS D 37 -18.53 13.63 -2.61
CA LYS D 37 -17.27 14.34 -2.80
C LYS D 37 -17.49 15.58 -3.66
N ILE D 38 -16.86 16.69 -3.27
CA ILE D 38 -16.92 17.90 -4.06
C ILE D 38 -15.86 17.85 -5.15
N ILE D 39 -16.24 18.29 -6.36
CA ILE D 39 -15.34 18.30 -7.50
C ILE D 39 -15.22 19.74 -8.01
N GLN D 40 -14.04 20.07 -8.53
CA GLN D 40 -13.78 21.39 -9.10
C GLN D 40 -13.24 21.21 -10.51
N GLY D 41 -13.26 22.29 -11.29
CA GLY D 41 -12.80 22.20 -12.66
C GLY D 41 -11.60 23.06 -13.03
N ASN D 42 -11.49 24.26 -12.46
CA ASN D 42 -10.38 25.17 -12.70
C ASN D 42 -10.61 26.42 -11.85
N GLU D 43 -9.53 27.16 -11.62
CA GLU D 43 -9.61 28.42 -10.88
C GLU D 43 -8.69 29.44 -11.56
N LEU D 44 -9.00 30.71 -11.35
CA LEU D 44 -8.23 31.79 -11.93
C LEU D 44 -8.14 32.94 -10.93
N GLU D 45 -7.02 33.64 -10.96
CA GLU D 45 -6.80 34.75 -10.05
C GLU D 45 -7.61 35.96 -10.49
N PRO D 46 -8.37 36.61 -9.60
CA PRO D 46 -9.24 37.71 -10.05
C PRO D 46 -8.48 38.96 -10.46
N ARG D 47 -7.46 39.36 -9.71
CA ARG D 47 -6.77 40.61 -9.99
C ARG D 47 -6.08 40.56 -11.35
N ALA D 48 -5.51 39.42 -11.70
CA ALA D 48 -4.80 39.29 -12.97
C ALA D 48 -5.74 39.44 -14.16
N VAL D 49 -7.04 39.21 -13.95
CA VAL D 49 -8.01 39.35 -15.04
C VAL D 49 -8.10 40.80 -15.50
N ALA D 50 -8.05 41.74 -14.55
CA ALA D 50 -8.13 43.15 -14.90
C ALA D 50 -6.92 43.59 -15.72
N ALA D 51 -5.79 42.89 -15.58
CA ALA D 51 -4.59 43.22 -16.33
C ALA D 51 -4.70 42.89 -17.81
N LEU D 52 -5.73 42.17 -18.22
CA LEU D 52 -5.88 41.82 -19.63
C LEU D 52 -6.14 43.07 -20.46
N ARG D 53 -5.40 43.18 -21.57
CA ARG D 53 -5.55 44.31 -22.47
C ARG D 53 -5.63 43.79 -23.90
N PRO D 54 -6.50 44.34 -24.74
CA PRO D 54 -6.55 43.91 -26.14
C PRO D 54 -5.23 44.16 -26.84
N GLY D 55 -4.90 43.28 -27.78
CA GLY D 55 -3.62 43.35 -28.45
C GLY D 55 -2.50 42.68 -27.69
N MET D 56 -2.78 41.55 -27.07
CA MET D 56 -1.79 40.81 -26.29
C MET D 56 -1.38 39.54 -27.03
N THR D 57 -0.10 39.21 -26.94
CA THR D 57 0.42 38.02 -27.60
C THR D 57 0.12 36.77 -26.76
N LYS D 58 0.22 35.61 -27.42
CA LYS D 58 -0.18 34.36 -26.79
C LYS D 58 0.71 34.01 -25.60
N ASP D 59 2.03 34.12 -25.78
CA ASP D 59 2.94 33.73 -24.71
C ASP D 59 2.77 34.60 -23.47
N GLN D 60 2.64 35.91 -23.67
CA GLN D 60 2.54 36.81 -22.53
C GLN D 60 1.22 36.62 -21.78
N VAL D 61 0.12 36.41 -22.50
CA VAL D 61 -1.15 36.21 -21.83
C VAL D 61 -1.18 34.86 -21.12
N LEU D 62 -0.51 33.85 -21.70
CA LEU D 62 -0.41 32.56 -21.02
C LEU D 62 0.40 32.68 -19.74
N LEU D 63 1.49 33.45 -19.79
CA LEU D 63 2.31 33.63 -18.59
C LEU D 63 1.60 34.47 -17.55
N LEU D 64 0.78 35.43 -17.97
CA LEU D 64 0.14 36.33 -17.02
C LEU D 64 -1.11 35.75 -16.38
N LEU D 65 -1.98 35.13 -17.17
CA LEU D 65 -3.26 34.66 -16.64
C LEU D 65 -3.25 33.20 -16.23
N GLY D 66 -2.64 32.32 -17.04
CA GLY D 66 -2.56 30.92 -16.68
C GLY D 66 -2.93 29.98 -17.80
N SER D 67 -2.49 28.73 -17.69
CA SER D 67 -2.78 27.75 -18.73
C SER D 67 -4.26 27.39 -18.72
N PRO D 68 -4.93 27.43 -19.86
CA PRO D 68 -6.35 27.05 -19.88
C PRO D 68 -6.53 25.56 -19.67
N ILE D 69 -7.54 25.20 -18.88
CA ILE D 69 -7.76 23.79 -18.57
C ILE D 69 -8.55 23.10 -19.67
N LEU D 70 -9.33 23.85 -20.44
CA LEU D 70 -10.14 23.30 -21.53
C LEU D 70 -9.81 24.05 -22.81
N ARG D 71 -9.26 23.33 -23.79
CA ARG D 71 -8.94 23.92 -25.09
C ARG D 71 -9.14 22.84 -26.13
N ASP D 72 -10.22 22.95 -26.91
CA ASP D 72 -10.50 21.95 -27.93
C ASP D 72 -9.47 22.02 -29.05
N ALA D 73 -9.44 20.96 -29.85
CA ALA D 73 -8.60 20.92 -31.03
C ALA D 73 -9.37 21.21 -32.32
N PHE D 74 -10.65 21.53 -32.11
CA PHE D 74 -11.54 21.78 -33.26
C PHE D 74 -11.72 23.27 -33.41
N HIS D 75 -11.47 24.01 -32.33
CA HIS D 75 -11.54 25.48 -32.50
C HIS D 75 -10.21 26.03 -31.97
N THR D 76 -9.07 25.48 -32.40
CA THR D 76 -7.74 25.88 -31.86
C THR D 76 -7.85 27.16 -31.04
N ASP D 77 -8.14 28.28 -31.68
CA ASP D 77 -8.16 29.55 -30.93
C ASP D 77 -9.43 29.64 -30.09
N ARG D 78 -9.40 29.21 -28.83
CA ARG D 78 -10.57 29.40 -27.98
C ARG D 78 -10.23 29.08 -26.53
N TRP D 79 -9.09 29.59 -26.05
CA TRP D 79 -8.67 29.31 -24.69
C TRP D 79 -9.79 29.61 -23.70
N ASP D 80 -10.11 28.63 -22.86
CA ASP D 80 -11.26 28.71 -21.97
C ASP D 80 -10.83 28.45 -20.53
N TYR D 81 -11.59 29.05 -19.61
CA TYR D 81 -11.42 28.82 -18.19
C TYR D 81 -12.79 28.71 -17.56
N THR D 82 -13.03 27.63 -16.83
CA THR D 82 -14.33 27.37 -16.23
C THR D 82 -14.11 26.98 -14.77
N PHE D 83 -15.22 26.68 -14.09
CA PHE D 83 -15.19 26.27 -12.68
C PHE D 83 -16.58 25.76 -12.34
N ASN D 84 -16.65 24.64 -11.62
CA ASN D 84 -17.95 24.06 -11.30
C ASN D 84 -17.81 23.16 -10.05
N THR D 85 -18.24 23.69 -8.92
CA THR D 85 -18.32 22.88 -7.70
C THR D 85 -19.53 21.96 -7.85
N SER D 86 -19.29 20.73 -8.28
CA SER D 86 -20.35 19.78 -8.61
C SER D 86 -20.60 18.84 -7.45
N ARG D 87 -21.85 18.40 -7.31
CA ARG D 87 -22.23 17.44 -6.28
C ARG D 87 -23.36 16.58 -6.84
N ASN D 88 -23.00 15.41 -7.37
CA ASN D 88 -23.95 14.48 -7.96
C ASN D 88 -24.73 15.13 -9.10
N GLY D 89 -23.98 15.55 -10.12
CA GLY D 89 -24.60 16.10 -11.32
C GLY D 89 -25.03 17.55 -11.20
N ILE D 90 -25.61 17.90 -10.04
CA ILE D 90 -26.14 19.24 -9.85
C ILE D 90 -24.98 20.24 -9.74
N ILE D 91 -24.79 21.03 -10.78
CA ILE D 91 -23.74 22.05 -10.80
C ILE D 91 -24.17 23.19 -9.88
N LYS D 92 -23.44 23.37 -8.77
CA LYS D 92 -23.84 24.36 -7.78
C LYS D 92 -23.48 25.78 -8.24
N GLU D 93 -22.20 26.05 -8.44
CA GLU D 93 -21.73 27.37 -8.83
C GLU D 93 -20.76 27.24 -10.00
N ARG D 94 -20.78 28.25 -10.88
CA ARG D 94 -19.94 28.22 -12.05
C ARG D 94 -19.57 29.65 -12.46
N SER D 95 -18.44 29.76 -13.15
CA SER D 95 -17.96 31.04 -13.67
C SER D 95 -16.97 30.75 -14.79
N ASN D 96 -17.31 31.13 -16.01
CA ASN D 96 -16.51 30.82 -17.18
C ASN D 96 -15.90 32.09 -17.76
N LEU D 97 -14.69 31.96 -18.29
CA LEU D 97 -14.01 33.05 -18.97
C LEU D 97 -13.44 32.53 -20.28
N THR D 98 -13.77 33.19 -21.38
CA THR D 98 -13.29 32.81 -22.69
C THR D 98 -12.36 33.91 -23.23
N VAL D 99 -11.59 33.55 -24.25
CA VAL D 99 -10.71 34.51 -24.92
C VAL D 99 -10.44 33.98 -26.32
N TYR D 100 -10.58 34.86 -27.31
CA TYR D 100 -10.45 34.49 -28.71
C TYR D 100 -9.18 35.09 -29.29
N PHE D 101 -8.50 34.33 -30.13
CA PHE D 101 -7.24 34.74 -30.72
C PHE D 101 -7.32 34.67 -32.24
N GLU D 102 -6.59 35.58 -32.89
CA GLU D 102 -6.40 35.53 -34.34
C GLU D 102 -5.14 36.30 -34.66
N ASN D 103 -4.42 35.83 -35.68
CA ASN D 103 -3.12 36.39 -36.07
C ASN D 103 -2.14 36.36 -34.89
N GLY D 104 -2.35 35.41 -33.97
CA GLY D 104 -1.48 35.28 -32.82
C GLY D 104 -1.50 36.46 -31.88
N VAL D 105 -2.65 37.11 -31.72
CA VAL D 105 -2.75 38.28 -30.85
C VAL D 105 -4.19 38.37 -30.33
N LEU D 106 -4.32 38.81 -29.08
CA LEU D 106 -5.63 38.95 -28.47
C LEU D 106 -6.42 40.08 -29.10
N VAL D 107 -7.69 39.82 -29.39
CA VAL D 107 -8.57 40.79 -30.03
C VAL D 107 -9.77 41.14 -29.15
N ARG D 108 -10.36 40.16 -28.46
CA ARG D 108 -11.53 40.42 -27.64
C ARG D 108 -11.76 39.24 -26.71
N THR D 109 -12.47 39.51 -25.62
CA THR D 109 -12.86 38.51 -24.64
C THR D 109 -14.33 38.67 -24.31
N GLU D 110 -14.86 37.70 -23.56
CA GLU D 110 -16.25 37.73 -23.11
C GLU D 110 -16.41 36.73 -21.98
N GLY D 111 -17.58 36.75 -21.35
CA GLY D 111 -17.85 35.90 -20.21
C GLY D 111 -18.12 36.69 -18.95
N ASP D 112 -18.91 36.13 -18.04
CA ASP D 112 -19.27 36.83 -16.81
C ASP D 112 -18.11 36.92 -15.82
N ALA D 113 -16.94 36.39 -16.16
CA ALA D 113 -15.81 36.43 -15.24
C ALA D 113 -15.28 37.85 -15.05
N LEU D 114 -15.32 38.67 -16.10
CA LEU D 114 -14.80 40.03 -15.99
C LEU D 114 -15.61 40.83 -14.98
N GLN D 115 -16.94 40.72 -15.02
CA GLN D 115 -17.79 41.48 -14.13
C GLN D 115 -17.56 41.12 -12.68
N ASN D 116 -17.65 39.83 -12.35
CA ASN D 116 -17.45 39.40 -10.96
C ASN D 116 -16.02 39.65 -10.50
N ALA D 117 -15.05 39.55 -11.40
CA ALA D 117 -13.67 39.86 -11.05
C ALA D 117 -13.53 41.33 -10.68
N ALA D 118 -14.13 42.22 -11.47
CA ALA D 118 -14.09 43.64 -11.15
C ALA D 118 -14.78 43.94 -9.82
N GLU D 119 -15.93 43.29 -9.58
CA GLU D 119 -16.64 43.51 -8.32
C GLU D 119 -15.81 43.03 -7.13
N ALA D 120 -15.18 41.86 -7.25
CA ALA D 120 -14.35 41.35 -6.17
C ALA D 120 -13.12 42.22 -5.94
N LEU D 121 -12.55 42.76 -7.01
CA LEU D 121 -11.41 43.65 -6.85
C LEU D 121 -11.81 44.96 -6.18
N ARG D 122 -13.00 45.47 -6.52
CA ARG D 122 -13.46 46.70 -5.87
C ARG D 122 -13.85 46.46 -4.43
N ALA D 123 -14.31 45.25 -4.10
CA ALA D 123 -14.71 44.96 -2.73
C ALA D 123 -13.51 44.70 -1.83
N LYS D 124 -12.59 43.82 -2.26
CA LYS D 124 -11.44 43.48 -1.45
C LYS D 124 -10.49 44.67 -1.32
N GLN D 125 -10.00 45.17 -2.45
CA GLN D 125 -9.08 46.31 -2.44
C GLN D 125 -9.84 47.63 -2.38
#